data_9KU6
#
_entry.id   9KU6
#
_cell.length_a   54.020
_cell.length_b   80.405
_cell.length_c   75.844
_cell.angle_alpha   90.000
_cell.angle_beta   103.117
_cell.angle_gamma   90.000
#
_symmetry.space_group_name_H-M   'P 1 21 1'
#
loop_
_entity.id
_entity.type
_entity.pdbx_description
1 polymer Lactoperoxidase
2 branched 2-acetamido-2-deoxy-beta-D-glucopyranose-(1-4)-2-acetamido-2-deoxy-beta-D-glucopyranose
3 non-polymer 2-acetamido-2-deoxy-beta-D-glucopyranose
4 non-polymer 'IODIDE ION'
5 non-polymer 'THIOCYANATE ION'
6 non-polymer 'TRIETHYLENE GLYCOL'
7 non-polymer 'NITRITE ION'
8 non-polymer 'NITRIC OXIDE'
9 non-polymer 'PROTOPORPHYRIN IX CONTAINING FE'
10 non-polymer 'CALCIUM ION'
11 water water
#
_entity_poly.entity_id   1
_entity_poly.type   'polypeptide(L)'
_entity_poly.pdbx_seq_one_letter_code
;SWEVGCGAPVPLVKCDENSPYRTITGDCNNRRSPALGAANRALARWLPAEYEDGLALPFGWTQRKTRNGFRVPLAREVSN
KIVGYLDEEGVLDQNRSLLFMQWGQIVDHDLDFAPETELGSNEHSKTQCEEYCIQGDNCFPIMFPKNDPKLKTQGKCMPF
FRAGFVCPTPPYQSLAREQINAVTSFLDASLVYGSEPSLASRLRNLSSPLGLMAVNQEAWDHGLAYLPFNNKKPSPCEFI
NTTARVPCFLAGDFRASEQILLATAHTLLLREHNRLARELKKLNPHWNGEKLYQEARKILGAFIQIITFRDYLPIVLGSE
MQKWIPPYQGYNNSVDPRISNVFTFAFRFGHMEVPSTVSRLDENYQPWGPEAELPLHTLFFNTWRIIKDGGIDPLVRGLL
AKKSKLMNQDKMVTSELRNKLFQPTHKIHGFDLAAINLQR(CSD)RDHGMPGYNSWRGFCGLSQPKTLKGLQTVLKNKIL
AKKLMDLYKTPDNIDIWIGGNAEPMVERGRVGPLLACLLGRQFQQIRDGDRFWWENPGVFTEKQRDSLQKVSFSRLICDN
THITKVPLHAFQANNYPHDFVDCSTVDKLDLSPWASREN
;
_entity_poly.pdbx_strand_id   A
#
loop_
_chem_comp.id
_chem_comp.type
_chem_comp.name
_chem_comp.formula
CA non-polymer 'CALCIUM ION' 'Ca 2'
HEM non-polymer 'PROTOPORPHYRIN IX CONTAINING FE' 'C34 H32 Fe N4 O4'
IOD non-polymer 'IODIDE ION' 'I -1'
NAG D-saccharide, beta linking 2-acetamido-2-deoxy-beta-D-glucopyranose 'C8 H15 N O6'
NO non-polymer 'NITRIC OXIDE' 'N O'
NO2 non-polymer 'NITRITE ION' 'N O2 -1'
PGE non-polymer 'TRIETHYLENE GLYCOL' 'C6 H14 O4'
SCN non-polymer 'THIOCYANATE ION' 'C N S -1'
#
# COMPACT_ATOMS: atom_id res chain seq x y z
N SER A 1 -6.09 4.43 33.22
CA SER A 1 -5.00 5.25 33.84
C SER A 1 -3.64 4.84 33.24
N TRP A 2 -3.15 5.60 32.25
CA TRP A 2 -1.84 5.35 31.65
C TRP A 2 -1.32 6.62 30.97
N GLU A 3 -0.03 6.62 30.62
CA GLU A 3 0.65 7.77 30.03
C GLU A 3 -0.26 8.22 28.89
N VAL A 4 -0.65 9.51 28.92
CA VAL A 4 -1.75 10.03 28.12
C VAL A 4 -1.23 11.09 27.15
N GLY A 5 0.09 11.12 26.90
CA GLY A 5 0.62 12.03 25.90
C GLY A 5 2.13 11.81 25.80
N CYS A 6 2.55 10.60 25.39
CA CYS A 6 3.94 10.32 25.08
C CYS A 6 4.08 10.68 23.60
N GLY A 7 4.24 11.97 23.31
CA GLY A 7 4.31 12.48 21.94
C GLY A 7 5.48 13.44 21.75
N ALA A 8 6.66 13.06 22.26
CA ALA A 8 7.84 13.90 22.19
C ALA A 8 8.38 13.92 20.76
N PRO A 9 8.72 12.77 20.12
CA PRO A 9 9.12 12.80 18.71
C PRO A 9 8.07 13.60 17.93
N VAL A 10 8.53 14.65 17.24
CA VAL A 10 7.68 15.55 16.45
C VAL A 10 6.57 16.14 17.30
N PRO A 11 6.75 17.35 17.90
CA PRO A 11 5.66 18.07 18.55
C PRO A 11 5.14 19.33 17.86
N LEU A 12 5.02 19.27 16.52
CA LEU A 12 4.37 20.33 15.75
C LEU A 12 2.88 20.42 16.10
N VAL A 13 2.42 21.62 16.47
CA VAL A 13 1.02 21.91 16.69
C VAL A 13 0.69 23.28 16.09
N LYS A 14 1.23 23.55 14.89
CA LYS A 14 1.35 24.90 14.37
C LYS A 14 0.13 25.28 13.52
N CYS A 15 -1.07 25.20 14.11
CA CYS A 15 -2.27 25.07 13.31
C CYS A 15 -2.84 26.42 12.89
N ASP A 16 -3.19 26.51 11.59
CA ASP A 16 -4.10 27.52 11.09
C ASP A 16 -5.46 26.85 10.85
N GLU A 17 -6.48 27.34 11.56
CA GLU A 17 -7.82 26.80 11.51
C GLU A 17 -8.61 27.52 10.40
N ASN A 18 -7.99 28.52 9.76
CA ASN A 18 -8.58 29.18 8.61
C ASN A 18 -8.30 28.41 7.33
N SER A 19 -7.13 27.73 7.26
CA SER A 19 -6.57 27.28 5.99
C SER A 19 -7.56 26.45 5.18
N PRO A 20 -7.67 26.69 3.86
CA PRO A 20 -8.53 25.87 3.00
C PRO A 20 -7.86 24.62 2.43
N TYR A 21 -6.57 24.40 2.78
CA TYR A 21 -5.81 23.26 2.29
C TYR A 21 -5.32 22.37 3.44
N ARG A 22 -5.01 21.12 3.08
CA ARG A 22 -4.49 20.15 4.03
C ARG A 22 -3.07 20.57 4.37
N THR A 23 -2.61 20.30 5.58
CA THR A 23 -1.18 20.31 5.79
C THR A 23 -0.60 19.11 5.06
N ILE A 24 0.72 19.10 4.92
CA ILE A 24 1.46 17.99 4.36
C ILE A 24 1.49 16.85 5.37
N THR A 25 1.66 17.20 6.65
CA THR A 25 1.82 16.23 7.74
C THR A 25 0.51 15.57 8.16
N GLY A 26 -0.63 16.12 7.76
CA GLY A 26 -1.90 15.60 8.26
C GLY A 26 -2.36 16.28 9.54
N ASP A 27 -1.49 17.09 10.16
CA ASP A 27 -1.84 17.81 11.38
C ASP A 27 -2.96 18.79 11.03
N CYS A 28 -3.79 19.11 12.03
CA CYS A 28 -4.76 20.20 11.99
C CYS A 28 -6.01 19.86 11.18
N ASN A 29 -6.17 18.58 10.84
CA ASN A 29 -7.37 18.12 10.16
C ASN A 29 -8.51 18.10 11.17
N ASN A 30 -8.27 17.42 12.29
CA ASN A 30 -9.22 17.43 13.40
C ASN A 30 -8.90 18.68 14.22
N ARG A 31 -9.91 19.52 14.45
CA ARG A 31 -9.68 20.74 15.20
C ARG A 31 -9.47 20.45 16.68
N ARG A 32 -10.25 19.53 17.23
CA ARG A 32 -10.25 19.25 18.67
C ARG A 32 -9.01 18.46 19.06
N SER A 33 -8.49 17.64 18.13
CA SER A 33 -7.32 16.82 18.39
C SER A 33 -6.37 16.92 17.19
N PRO A 34 -5.64 18.03 17.05
CA PRO A 34 -4.94 18.33 15.79
C PRO A 34 -3.93 17.30 15.25
N ALA A 35 -3.49 16.36 16.10
CA ALA A 35 -2.54 15.33 15.65
C ALA A 35 -3.22 14.07 15.09
N LEU A 36 -4.55 13.97 15.19
CA LEU A 36 -5.27 12.79 14.70
C LEU A 36 -5.10 12.63 13.20
N GLY A 37 -4.50 11.50 12.78
CA GLY A 37 -4.35 11.18 11.37
C GLY A 37 -3.00 11.68 10.83
N ALA A 38 -2.31 12.51 11.61
CA ALA A 38 -1.00 13.01 11.21
C ALA A 38 0.02 11.86 11.14
N ALA A 39 1.00 12.07 10.26
CA ALA A 39 2.13 11.18 10.05
C ALA A 39 3.05 11.25 11.27
N ASN A 40 3.84 10.18 11.44
CA ASN A 40 4.88 10.08 12.44
C ASN A 40 4.29 10.00 13.84
N ARG A 41 3.10 9.37 13.95
CA ARG A 41 2.43 9.04 15.20
C ARG A 41 2.17 7.52 15.27
N ALA A 42 1.80 7.04 16.46
CA ALA A 42 1.52 5.63 16.64
C ALA A 42 0.33 5.26 15.76
N LEU A 43 0.41 4.06 15.20
CA LEU A 43 -0.78 3.44 14.65
C LEU A 43 -1.80 3.29 15.77
N ALA A 44 -3.07 3.46 15.43
CA ALA A 44 -4.15 3.19 16.37
C ALA A 44 -4.20 1.73 16.75
N ARG A 45 -4.63 1.46 17.99
CA ARG A 45 -4.86 0.11 18.45
C ARG A 45 -6.36 -0.12 18.58
N TRP A 46 -6.92 -1.02 17.77
CA TRP A 46 -8.34 -1.34 17.84
C TRP A 46 -8.58 -2.36 18.94
N LEU A 47 -7.55 -3.15 19.20
CA LEU A 47 -7.54 -4.05 20.32
C LEU A 47 -6.17 -3.88 20.94
N PRO A 48 -6.02 -4.20 22.24
CA PRO A 48 -4.73 -4.15 22.91
C PRO A 48 -3.67 -5.06 22.28
N ALA A 49 -2.43 -4.55 22.30
CA ALA A 49 -1.31 -5.29 21.78
C ALA A 49 -1.12 -6.59 22.56
N GLU A 50 -0.63 -7.61 21.85
CA GLU A 50 -0.39 -8.89 22.46
C GLU A 50 1.05 -9.29 22.19
N TYR A 51 1.85 -9.12 23.24
CA TYR A 51 3.24 -9.50 23.22
C TYR A 51 3.49 -10.62 24.22
N GLU A 52 4.58 -11.36 23.97
CA GLU A 52 4.99 -12.49 24.77
C GLU A 52 5.17 -12.09 26.24
N ASP A 53 5.64 -10.86 26.47
CA ASP A 53 5.92 -10.36 27.81
C ASP A 53 4.99 -9.21 28.19
N GLY A 54 3.84 -9.09 27.54
CA GLY A 54 2.96 -7.98 27.86
C GLY A 54 3.38 -6.64 27.25
N LEU A 55 4.66 -6.42 26.93
CA LEU A 55 5.13 -5.06 26.62
C LEU A 55 5.65 -4.87 25.20
N ALA A 56 6.43 -5.82 24.70
CA ALA A 56 7.23 -5.54 23.52
C ALA A 56 7.78 -6.77 22.81
N LEU A 57 7.94 -7.93 23.49
CA LEU A 57 8.60 -9.03 22.83
C LEU A 57 7.58 -9.78 21.99
N PRO A 58 7.89 -10.10 20.72
CA PRO A 58 6.96 -10.81 19.87
C PRO A 58 6.72 -12.22 20.35
N PHE A 59 5.51 -12.72 20.12
CA PHE A 59 5.33 -14.15 20.22
C PHE A 59 6.28 -14.76 19.20
N GLY A 60 6.98 -15.80 19.64
CA GLY A 60 7.97 -16.48 18.81
C GLY A 60 9.37 -16.15 19.27
N TRP A 61 9.50 -15.11 20.12
CA TRP A 61 10.80 -14.57 20.50
C TRP A 61 11.59 -15.58 21.33
N THR A 62 10.94 -16.13 22.37
CA THR A 62 11.58 -17.02 23.33
C THR A 62 11.06 -18.42 23.04
N GLN A 63 11.97 -19.36 22.79
CA GLN A 63 11.63 -20.73 22.44
C GLN A 63 10.61 -21.32 23.41
N ARG A 64 10.88 -21.23 24.72
CA ARG A 64 10.10 -21.99 25.68
C ARG A 64 8.87 -21.21 26.18
N LYS A 65 8.60 -20.03 25.60
CA LYS A 65 7.39 -19.28 25.94
C LYS A 65 6.30 -19.56 24.90
N THR A 66 5.20 -20.15 25.38
CA THR A 66 4.10 -20.56 24.54
C THR A 66 3.12 -19.41 24.32
N ARG A 67 2.24 -19.59 23.33
CA ARG A 67 1.05 -18.78 23.16
C ARG A 67 -0.14 -19.68 23.47
N ASN A 68 -0.85 -19.38 24.57
CA ASN A 68 -1.95 -20.21 25.01
C ASN A 68 -1.57 -21.69 25.08
N GLY A 69 -0.36 -22.01 25.50
CA GLY A 69 0.01 -23.37 25.79
C GLY A 69 0.72 -24.09 24.64
N PHE A 70 0.91 -23.40 23.50
CA PHE A 70 1.51 -24.00 22.31
C PHE A 70 2.57 -23.08 21.71
N ARG A 71 3.63 -23.68 21.17
CA ARG A 71 4.68 -22.92 20.48
C ARG A 71 4.07 -22.33 19.22
N VAL A 72 4.49 -21.13 18.85
CA VAL A 72 4.01 -20.54 17.61
C VAL A 72 4.92 -21.11 16.52
N PRO A 73 4.39 -21.44 15.34
CA PRO A 73 5.20 -22.03 14.28
C PRO A 73 6.11 -20.97 13.63
N LEU A 74 7.22 -21.42 13.04
CA LEU A 74 8.08 -20.52 12.27
C LEU A 74 7.30 -19.93 11.10
N ALA A 75 7.51 -18.65 10.85
CA ALA A 75 6.86 -17.94 9.77
C ALA A 75 7.15 -18.61 8.42
N ARG A 76 8.39 -19.02 8.19
CA ARG A 76 8.78 -19.60 6.92
C ARG A 76 8.15 -20.98 6.74
N GLU A 77 7.85 -21.66 7.85
CA GLU A 77 7.24 -22.98 7.78
C GLU A 77 5.79 -22.86 7.37
N VAL A 78 5.11 -21.86 7.92
CA VAL A 78 3.75 -21.54 7.54
C VAL A 78 3.71 -21.20 6.07
N SER A 79 4.62 -20.32 5.64
CA SER A 79 4.77 -19.96 4.23
C SER A 79 4.86 -21.23 3.37
N ASN A 80 5.83 -22.09 3.69
CA ASN A 80 6.13 -23.24 2.86
C ASN A 80 4.94 -24.19 2.79
N LYS A 81 4.31 -24.46 3.93
CA LYS A 81 3.29 -25.50 3.99
C LYS A 81 1.93 -24.99 3.51
N ILE A 82 1.64 -23.69 3.64
CA ILE A 82 0.28 -23.24 3.36
C ILE A 82 0.25 -22.29 2.17
N VAL A 83 1.25 -21.42 2.05
CA VAL A 83 1.12 -20.22 1.25
C VAL A 83 1.63 -20.47 -0.16
N GLY A 84 2.49 -21.48 -0.31
CA GLY A 84 3.23 -21.69 -1.55
C GLY A 84 2.52 -22.65 -2.50
N TYR A 85 2.95 -22.62 -3.76
CA TYR A 85 2.43 -23.45 -4.84
C TYR A 85 3.39 -23.40 -6.04
N LEU A 86 3.19 -24.31 -7.01
CA LEU A 86 4.11 -24.48 -8.14
C LEU A 86 3.50 -23.96 -9.43
N ASP A 87 2.22 -24.27 -9.65
CA ASP A 87 1.59 -24.15 -10.96
C ASP A 87 0.79 -22.85 -11.10
N GLU A 88 1.27 -21.94 -11.96
CA GLU A 88 0.64 -20.64 -12.22
C GLU A 88 -0.52 -20.75 -13.22
N GLU A 89 -0.69 -21.92 -13.83
CA GLU A 89 -1.83 -22.13 -14.73
C GLU A 89 -3.11 -22.05 -13.91
N GLY A 90 -4.11 -21.38 -14.45
CA GLY A 90 -5.44 -21.35 -13.86
C GLY A 90 -5.53 -20.41 -12.65
N VAL A 91 -4.55 -19.53 -12.43
CA VAL A 91 -4.53 -18.80 -11.17
C VAL A 91 -5.11 -17.40 -11.34
N LEU A 92 -5.39 -16.99 -12.58
CA LEU A 92 -5.73 -15.61 -12.86
C LEU A 92 -7.20 -15.34 -12.59
N ASP A 93 -7.48 -14.07 -12.26
CA ASP A 93 -8.79 -13.56 -11.90
C ASP A 93 -9.52 -13.16 -13.18
N GLN A 94 -10.58 -13.89 -13.51
CA GLN A 94 -11.21 -13.68 -14.81
C GLN A 94 -12.04 -12.40 -14.79
N ASN A 95 -12.16 -11.73 -13.64
CA ASN A 95 -12.96 -10.51 -13.63
C ASN A 95 -12.25 -9.35 -12.91
N ARG A 96 -10.93 -9.43 -12.75
CA ARG A 96 -10.17 -8.27 -12.27
C ARG A 96 -8.92 -8.04 -13.14
N SER A 97 -8.79 -6.81 -13.68
CA SER A 97 -7.59 -6.40 -14.39
C SER A 97 -6.40 -6.35 -13.43
N LEU A 98 -5.20 -6.09 -13.98
CA LEU A 98 -4.01 -6.02 -13.14
C LEU A 98 -3.99 -4.65 -12.46
N LEU A 99 -4.71 -3.70 -13.05
CA LEU A 99 -4.89 -2.41 -12.43
C LEU A 99 -5.55 -2.55 -11.06
N PHE A 100 -6.40 -3.56 -10.85
CA PHE A 100 -7.09 -3.78 -9.57
C PHE A 100 -6.08 -4.06 -8.46
N MET A 101 -5.15 -4.97 -8.73
CA MET A 101 -4.05 -5.18 -7.80
C MET A 101 -3.30 -3.86 -7.57
N GLN A 102 -2.96 -3.17 -8.66
CA GLN A 102 -2.02 -2.08 -8.54
C GLN A 102 -2.63 -0.91 -7.76
N TRP A 103 -3.91 -0.64 -8.00
CA TRP A 103 -4.57 0.42 -7.26
C TRP A 103 -4.59 0.13 -5.76
N GLY A 104 -4.76 -1.14 -5.39
CA GLY A 104 -4.67 -1.51 -3.99
C GLY A 104 -3.35 -1.05 -3.34
N GLN A 105 -2.24 -1.33 -4.04
CA GLN A 105 -0.91 -0.98 -3.53
C GLN A 105 -0.77 0.54 -3.38
N ILE A 106 -1.33 1.29 -4.34
CA ILE A 106 -1.30 2.74 -4.37
C ILE A 106 -2.04 3.28 -3.15
N VAL A 107 -3.24 2.77 -2.93
CA VAL A 107 -4.04 3.23 -1.82
C VAL A 107 -3.33 2.92 -0.51
N ASP A 108 -2.87 1.68 -0.39
CA ASP A 108 -2.14 1.25 0.79
C ASP A 108 -1.01 2.22 1.14
N HIS A 109 -0.25 2.62 0.09
CA HIS A 109 0.91 3.47 0.27
C HIS A 109 0.47 4.89 0.67
N ASP A 110 -0.72 5.32 0.26
CA ASP A 110 -1.24 6.60 0.69
C ASP A 110 -1.52 6.54 2.18
N LEU A 111 -1.91 5.36 2.71
CA LEU A 111 -2.47 5.30 4.05
C LEU A 111 -1.48 4.89 5.14
N ASP A 112 -0.55 3.99 4.86
CA ASP A 112 0.25 3.46 5.95
C ASP A 112 1.66 3.07 5.52
N PHE A 113 2.60 3.28 6.46
CA PHE A 113 3.96 2.82 6.35
C PHE A 113 4.59 2.74 7.74
N ALA A 114 4.94 1.52 8.16
CA ALA A 114 5.60 1.29 9.43
C ALA A 114 7.01 0.81 9.16
N PRO A 115 7.94 1.74 8.84
CA PRO A 115 9.30 1.35 8.45
C PRO A 115 10.12 0.75 9.60
N GLU A 116 11.04 -0.15 9.23
CA GLU A 116 11.98 -0.77 10.15
C GLU A 116 12.67 0.30 10.98
N THR A 117 12.93 0.01 12.26
CA THR A 117 13.66 0.90 13.15
C THR A 117 14.96 1.32 12.47
N GLU A 118 15.45 2.52 12.81
CA GLU A 118 16.79 2.90 12.42
C GLU A 118 17.70 2.86 13.66
N LEU A 119 18.01 1.64 14.10
CA LEU A 119 19.00 1.38 15.13
C LEU A 119 20.22 0.70 14.53
N GLY A 120 20.11 0.22 13.29
CA GLY A 120 21.26 -0.22 12.52
C GLY A 120 21.87 0.98 11.82
N SER A 121 21.78 2.15 12.48
CA SER A 121 22.40 3.39 12.03
C SER A 121 23.87 3.35 12.46
N ASN A 122 24.75 2.97 11.53
CA ASN A 122 26.18 2.90 11.79
C ASN A 122 26.46 1.85 12.87
N GLU A 123 25.96 0.64 12.62
CA GLU A 123 26.25 -0.54 13.43
C GLU A 123 26.37 -1.70 12.44
N HIS A 124 27.42 -2.53 12.64
CA HIS A 124 27.53 -3.80 11.94
C HIS A 124 26.37 -4.69 12.39
N SER A 125 25.66 -4.26 13.45
CA SER A 125 24.48 -4.94 13.98
C SER A 125 23.44 -5.22 12.90
N LYS A 126 23.41 -4.39 11.84
CA LYS A 126 22.48 -4.60 10.74
C LYS A 126 23.01 -5.72 9.82
N THR A 127 24.34 -5.77 9.69
CA THR A 127 25.01 -6.76 8.84
C THR A 127 25.19 -8.08 9.60
N GLN A 128 25.52 -7.99 10.89
CA GLN A 128 25.63 -9.14 11.78
C GLN A 128 24.33 -9.95 11.83
N CYS A 129 23.19 -9.25 11.86
CA CYS A 129 21.88 -9.87 11.74
C CYS A 129 21.79 -10.75 10.50
N GLU A 130 22.10 -10.16 9.32
CA GLU A 130 22.18 -10.87 8.06
C GLU A 130 23.18 -12.00 8.17
N GLU A 131 24.37 -11.66 8.68
CA GLU A 131 25.54 -12.51 8.59
C GLU A 131 25.39 -13.69 9.54
N TYR A 132 25.09 -13.43 10.82
CA TYR A 132 25.25 -14.44 11.85
C TYR A 132 23.89 -14.96 12.33
N CYS A 133 22.78 -14.34 11.88
CA CYS A 133 21.44 -14.84 12.17
C CYS A 133 21.17 -14.84 13.68
N ILE A 134 21.53 -13.74 14.34
CA ILE A 134 21.62 -13.67 15.79
C ILE A 134 20.52 -12.73 16.29
N GLN A 135 19.51 -13.30 16.95
CA GLN A 135 18.38 -12.53 17.43
C GLN A 135 18.81 -11.63 18.59
N GLY A 136 18.38 -10.38 18.57
CA GLY A 136 18.54 -9.51 19.71
C GLY A 136 18.19 -8.07 19.35
N ASP A 137 17.61 -7.34 20.32
CA ASP A 137 17.20 -5.96 20.10
C ASP A 137 16.29 -5.99 18.88
N ASN A 138 16.59 -5.22 17.83
CA ASN A 138 15.62 -5.07 16.75
C ASN A 138 15.85 -6.10 15.65
N CYS A 139 16.86 -6.97 15.83
CA CYS A 139 17.13 -8.05 14.91
C CYS A 139 16.30 -9.28 15.28
N PHE A 140 15.35 -9.64 14.40
CA PHE A 140 14.38 -10.72 14.67
C PHE A 140 14.32 -11.63 13.45
N PRO A 141 15.43 -12.35 13.15
CA PRO A 141 15.52 -13.07 11.89
C PRO A 141 14.45 -14.15 11.74
N ILE A 142 14.02 -14.32 10.49
CA ILE A 142 13.16 -15.39 10.06
C ILE A 142 14.04 -16.61 9.81
N MET A 143 13.93 -17.61 10.69
CA MET A 143 14.81 -18.76 10.64
C MET A 143 14.19 -19.80 9.71
N PHE A 144 15.01 -20.52 8.93
CA PHE A 144 14.48 -21.53 8.04
C PHE A 144 14.15 -22.78 8.83
N PRO A 145 13.02 -23.47 8.55
CA PRO A 145 12.78 -24.81 9.09
C PRO A 145 13.71 -25.87 8.48
N LYS A 146 13.72 -27.05 9.12
CA LYS A 146 14.67 -28.14 8.89
C LYS A 146 14.82 -28.48 7.40
N ASN A 147 13.72 -28.59 6.66
CA ASN A 147 13.77 -29.14 5.31
C ASN A 147 13.61 -28.07 4.25
N ASP A 148 14.02 -26.83 4.54
CA ASP A 148 13.74 -25.75 3.62
C ASP A 148 14.79 -25.75 2.52
N PRO A 149 14.41 -25.73 1.23
CA PRO A 149 15.40 -25.61 0.14
C PRO A 149 16.39 -24.47 0.31
N LYS A 150 15.96 -23.34 0.88
CA LYS A 150 16.82 -22.18 1.04
C LYS A 150 17.95 -22.39 2.04
N LEU A 151 17.79 -23.34 2.96
CA LEU A 151 18.85 -23.68 3.90
C LEU A 151 20.10 -24.10 3.12
N LYS A 152 19.91 -24.76 1.97
CA LYS A 152 21.00 -25.25 1.16
C LYS A 152 21.69 -24.14 0.37
N THR A 153 21.00 -23.05 0.00
CA THR A 153 21.62 -22.04 -0.85
C THR A 153 21.82 -20.68 -0.15
N GLN A 154 21.11 -20.39 0.95
CA GLN A 154 21.07 -19.02 1.50
C GLN A 154 21.40 -18.95 2.98
N GLY A 155 21.86 -20.02 3.61
CA GLY A 155 22.27 -19.94 5.00
C GLY A 155 21.11 -20.28 5.93
N LYS A 156 21.11 -19.72 7.15
CA LYS A 156 20.27 -20.24 8.21
C LYS A 156 18.96 -19.46 8.33
N CYS A 157 18.92 -18.24 7.78
CA CYS A 157 17.82 -17.33 8.06
C CYS A 157 17.69 -16.31 6.94
N MET A 158 16.54 -15.65 6.95
CA MET A 158 16.36 -14.42 6.21
C MET A 158 16.35 -13.30 7.24
N PRO A 159 17.07 -12.19 6.97
CA PRO A 159 17.10 -11.09 7.93
C PRO A 159 15.78 -10.36 8.01
N PHE A 160 15.55 -9.77 9.19
CA PHE A 160 14.30 -9.07 9.51
C PHE A 160 14.56 -8.18 10.72
N PHE A 161 14.15 -6.92 10.62
CA PHE A 161 14.40 -5.93 11.65
C PHE A 161 13.06 -5.36 12.07
N ARG A 162 12.90 -5.21 13.39
CA ARG A 162 11.62 -4.86 13.98
C ARG A 162 11.26 -3.44 13.57
N ALA A 163 9.95 -3.20 13.46
CA ALA A 163 9.43 -1.92 13.04
C ALA A 163 9.70 -0.83 14.07
N GLY A 164 9.84 0.42 13.61
CA GLY A 164 9.97 1.57 14.49
C GLY A 164 8.76 1.76 15.40
N PHE A 165 8.99 2.37 16.57
CA PHE A 165 7.97 2.55 17.60
C PHE A 165 8.20 3.88 18.30
N VAL A 166 7.10 4.44 18.81
CA VAL A 166 7.04 5.82 19.30
C VAL A 166 7.70 5.93 20.67
N CYS A 167 8.02 7.17 21.07
CA CYS A 167 8.68 7.51 22.37
C CYS A 167 10.20 7.30 22.13
N PRO A 168 10.98 6.50 22.89
CA PRO A 168 12.36 6.24 22.51
C PRO A 168 12.38 5.33 21.31
N THR A 169 13.59 5.08 20.81
CA THR A 169 13.78 4.12 19.69
C THR A 169 14.77 3.07 20.16
N PRO A 170 15.96 3.41 20.70
CA PRO A 170 16.84 2.38 21.26
C PRO A 170 16.26 1.67 22.50
N PRO A 171 15.87 2.35 23.61
CA PRO A 171 15.24 1.66 24.73
C PRO A 171 13.75 1.45 24.51
N TYR A 172 13.01 1.15 25.58
CA TYR A 172 11.59 0.83 25.39
C TYR A 172 10.74 2.06 25.71
N GLN A 173 9.43 1.91 25.53
CA GLN A 173 8.44 2.86 26.03
C GLN A 173 7.51 2.10 26.98
N SER A 174 7.09 2.73 28.10
CA SER A 174 6.23 2.11 29.09
C SER A 174 4.80 2.04 28.56
N LEU A 175 4.02 1.03 28.98
CA LEU A 175 2.88 0.55 28.21
C LEU A 175 3.41 -0.25 27.02
N ALA A 176 2.52 -0.92 26.29
CA ALA A 176 2.94 -1.81 25.21
C ALA A 176 3.63 -1.02 24.09
N ARG A 177 4.52 -1.68 23.35
CA ARG A 177 5.13 -1.06 22.19
C ARG A 177 4.09 -0.70 21.13
N GLU A 178 4.19 0.53 20.61
CA GLU A 178 3.30 1.01 19.58
C GLU A 178 4.12 1.42 18.34
N GLN A 179 3.86 0.75 17.21
CA GLN A 179 4.56 1.07 15.95
C GLN A 179 4.05 2.37 15.34
N ILE A 180 4.92 3.02 14.56
CA ILE A 180 4.65 4.30 13.95
C ILE A 180 4.06 4.12 12.55
N ASN A 181 3.11 5.02 12.24
CA ASN A 181 2.72 5.27 10.87
C ASN A 181 3.40 6.53 10.36
N ALA A 182 4.24 6.34 9.33
CA ALA A 182 5.10 7.41 8.81
C ALA A 182 4.40 8.21 7.72
N VAL A 183 3.17 7.85 7.34
CA VAL A 183 2.48 8.64 6.33
C VAL A 183 1.14 9.07 6.92
N THR A 184 0.46 9.98 6.21
CA THR A 184 -0.81 10.52 6.70
C THR A 184 -1.92 9.48 6.53
N SER A 185 -2.76 9.33 7.56
CA SER A 185 -3.87 8.40 7.56
C SER A 185 -4.95 8.82 6.56
N PHE A 186 -5.05 10.11 6.23
CA PHE A 186 -6.04 10.58 5.28
C PHE A 186 -5.70 10.10 3.88
N LEU A 187 -6.75 9.85 3.08
CA LEU A 187 -6.58 9.50 1.69
C LEU A 187 -6.42 10.81 0.91
N ASP A 188 -5.17 11.25 0.75
CA ASP A 188 -4.89 12.65 0.49
C ASP A 188 -3.75 12.81 -0.51
N ALA A 189 -3.40 11.75 -1.26
CA ALA A 189 -2.30 11.80 -2.22
C ALA A 189 -0.96 12.09 -1.56
N SER A 190 -0.82 11.69 -0.28
CA SER A 190 0.46 11.84 0.38
C SER A 190 1.54 11.04 -0.34
N LEU A 191 1.15 10.01 -1.12
CA LEU A 191 2.16 9.21 -1.80
C LEU A 191 2.73 10.01 -2.98
N VAL A 192 2.03 11.06 -3.45
CA VAL A 192 2.53 11.94 -4.49
C VAL A 192 3.29 13.13 -3.91
N TYR A 193 2.78 13.70 -2.82
CA TYR A 193 3.23 15.01 -2.37
C TYR A 193 4.17 14.93 -1.18
N GLY A 194 4.26 13.76 -0.52
CA GLY A 194 5.04 13.60 0.70
C GLY A 194 4.16 13.76 1.94
N SER A 195 4.65 13.23 3.07
CA SER A 195 4.03 13.37 4.39
C SER A 195 4.94 14.18 5.33
N GLU A 196 6.09 14.64 4.83
CA GLU A 196 7.00 15.50 5.61
C GLU A 196 7.34 16.76 4.82
N PRO A 197 7.43 17.96 5.48
CA PRO A 197 7.73 19.22 4.79
C PRO A 197 8.92 19.27 3.84
N SER A 198 10.03 18.70 4.27
CA SER A 198 11.26 18.73 3.50
C SER A 198 11.09 18.00 2.17
N LEU A 199 10.52 16.78 2.25
CA LEU A 199 10.30 16.00 1.06
C LEU A 199 9.31 16.74 0.17
N ALA A 200 8.24 17.27 0.78
CA ALA A 200 7.17 17.90 0.03
C ALA A 200 7.74 19.08 -0.77
N SER A 201 8.74 19.75 -0.17
CA SER A 201 9.38 20.90 -0.78
C SER A 201 10.34 20.45 -1.88
N ARG A 202 11.14 19.43 -1.58
CA ARG A 202 12.08 18.86 -2.52
C ARG A 202 11.40 18.39 -3.80
N LEU A 203 10.14 17.91 -3.70
CA LEU A 203 9.43 17.34 -4.84
C LEU A 203 8.89 18.45 -5.75
N ARG A 204 8.85 19.68 -5.24
CA ARG A 204 8.19 20.74 -5.96
C ARG A 204 9.16 21.43 -6.91
N ASN A 205 8.59 22.05 -7.95
CA ASN A 205 9.32 22.92 -8.85
C ASN A 205 9.10 24.36 -8.39
N LEU A 206 10.04 24.84 -7.59
CA LEU A 206 9.96 26.21 -7.09
C LEU A 206 10.83 27.16 -7.91
N SER A 207 11.29 26.72 -9.10
CA SER A 207 12.10 27.55 -9.97
C SER A 207 11.22 28.35 -10.93
N SER A 208 10.06 27.78 -11.28
CA SER A 208 9.01 28.54 -11.94
C SER A 208 7.85 28.71 -10.97
N PRO A 209 6.95 29.70 -11.16
CA PRO A 209 5.85 29.92 -10.23
C PRO A 209 4.57 29.28 -10.77
N LEU A 210 4.70 28.12 -11.42
CA LEU A 210 3.57 27.49 -12.08
C LEU A 210 2.94 26.42 -11.20
N GLY A 211 3.50 26.22 -10.00
CA GLY A 211 2.93 25.30 -9.02
C GLY A 211 3.09 23.85 -9.46
N LEU A 212 4.22 23.57 -10.11
CA LEU A 212 4.48 22.28 -10.71
C LEU A 212 5.30 21.46 -9.74
N MET A 213 5.22 20.13 -9.93
CA MET A 213 6.10 19.19 -9.29
C MET A 213 7.34 19.07 -10.15
N ALA A 214 8.52 18.91 -9.53
CA ALA A 214 9.75 18.69 -10.25
C ALA A 214 9.62 17.46 -11.15
N VAL A 215 10.29 17.48 -12.29
CA VAL A 215 10.31 16.31 -13.16
C VAL A 215 11.76 15.94 -13.46
N ASN A 216 11.90 14.80 -14.14
CA ASN A 216 13.19 14.32 -14.54
C ASN A 216 13.81 15.23 -15.61
N GLN A 217 15.06 15.57 -15.45
CA GLN A 217 15.71 16.46 -16.40
C GLN A 217 16.61 15.64 -17.33
N GLU A 218 16.86 14.38 -16.95
CA GLU A 218 17.76 13.52 -17.70
C GLU A 218 17.03 12.64 -18.70
N ALA A 219 15.70 12.51 -18.60
CA ALA A 219 15.00 11.63 -19.52
C ALA A 219 13.54 12.02 -19.60
N TRP A 220 12.94 11.69 -20.74
CA TRP A 220 11.57 12.06 -21.02
C TRP A 220 10.95 10.88 -21.75
N ASP A 221 9.61 10.82 -21.73
CA ASP A 221 8.87 9.67 -22.25
C ASP A 221 8.09 10.19 -23.46
N HIS A 222 8.71 10.10 -24.65
CA HIS A 222 8.11 10.69 -25.84
C HIS A 222 7.53 12.05 -25.47
N GLY A 223 8.37 12.88 -24.82
CA GLY A 223 8.02 14.23 -24.41
C GLY A 223 7.14 14.29 -23.16
N LEU A 224 6.83 13.16 -22.51
CA LEU A 224 6.07 13.24 -21.28
C LEU A 224 7.01 13.05 -20.10
N ALA A 225 6.58 13.55 -18.95
CA ALA A 225 7.46 13.69 -17.80
C ALA A 225 7.64 12.33 -17.12
N TYR A 226 8.86 12.13 -16.62
CA TYR A 226 9.15 11.11 -15.63
C TYR A 226 9.33 11.75 -14.27
N LEU A 227 9.29 10.92 -13.21
CA LEU A 227 9.63 11.35 -11.86
C LEU A 227 11.12 11.70 -11.81
N PRO A 228 11.55 12.69 -10.98
CA PRO A 228 12.97 12.92 -10.72
C PRO A 228 13.58 11.62 -10.19
N PHE A 229 14.90 11.49 -10.39
CA PHE A 229 15.66 10.41 -9.79
C PHE A 229 16.01 10.80 -8.37
N ASN A 230 16.24 9.79 -7.54
CA ASN A 230 16.73 10.01 -6.20
C ASN A 230 18.24 9.85 -6.23
N ASN A 231 18.94 10.98 -6.20
CA ASN A 231 20.39 10.97 -6.38
C ASN A 231 21.05 10.81 -4.99
N LYS A 232 20.72 9.71 -4.30
CA LYS A 232 21.43 9.29 -3.10
C LYS A 232 21.66 7.78 -3.13
N LYS A 233 22.62 7.31 -2.34
CA LYS A 233 23.24 6.02 -2.52
C LYS A 233 23.37 5.31 -1.18
N PRO A 234 23.46 3.95 -1.12
CA PRO A 234 23.35 3.09 -2.31
C PRO A 234 21.91 3.01 -2.81
N SER A 235 21.76 2.80 -4.13
CA SER A 235 20.47 2.80 -4.81
C SER A 235 20.12 1.38 -5.22
N PRO A 236 19.00 0.82 -4.72
CA PRO A 236 18.64 -0.55 -5.08
C PRO A 236 18.43 -0.66 -6.59
N CYS A 237 17.90 0.40 -7.20
CA CYS A 237 17.60 0.37 -8.62
C CYS A 237 18.88 0.36 -9.46
N GLU A 238 19.97 0.94 -8.94
CA GLU A 238 21.29 0.80 -9.56
C GLU A 238 21.85 -0.60 -9.35
N PHE A 239 21.73 -1.10 -8.11
CA PHE A 239 22.27 -2.39 -7.72
C PHE A 239 21.77 -3.52 -8.63
N ILE A 240 20.49 -3.46 -9.04
CA ILE A 240 19.94 -4.56 -9.80
C ILE A 240 20.41 -4.51 -11.26
N ASN A 241 21.00 -3.41 -11.72
CA ASN A 241 21.64 -3.40 -13.02
C ASN A 241 22.72 -2.31 -13.07
N THR A 242 23.96 -2.69 -12.77
CA THR A 242 25.03 -1.70 -12.67
C THR A 242 25.52 -1.24 -14.05
N THR A 243 25.11 -1.92 -15.13
CA THR A 243 25.45 -1.49 -16.47
C THR A 243 24.59 -0.30 -16.83
N ALA A 244 23.31 -0.40 -16.47
CA ALA A 244 22.34 0.60 -16.84
C ALA A 244 22.45 1.81 -15.92
N ARG A 245 22.81 1.58 -14.65
CA ARG A 245 22.98 2.67 -13.68
C ARG A 245 21.78 3.62 -13.73
N VAL A 246 20.56 3.07 -13.62
CA VAL A 246 19.38 3.93 -13.61
C VAL A 246 18.84 3.93 -12.19
N PRO A 247 18.85 5.08 -11.49
CA PRO A 247 18.45 5.10 -10.08
C PRO A 247 16.94 4.97 -9.91
N CYS A 248 16.55 4.84 -8.63
CA CYS A 248 15.14 4.87 -8.24
C CYS A 248 14.57 6.25 -8.45
N PHE A 249 13.24 6.28 -8.57
CA PHE A 249 12.48 7.51 -8.64
C PHE A 249 12.37 8.11 -7.25
N LEU A 250 12.10 9.41 -7.24
CA LEU A 250 11.81 10.16 -6.03
C LEU A 250 10.36 10.57 -6.12
N ALA A 251 9.55 10.05 -5.18
CA ALA A 251 8.14 10.34 -5.11
C ALA A 251 7.79 10.75 -3.68
N GLY A 252 6.51 11.05 -3.45
CA GLY A 252 6.05 11.44 -2.13
C GLY A 252 6.16 10.31 -1.12
N ASP A 253 6.34 9.08 -1.62
CA ASP A 253 6.47 7.90 -0.79
C ASP A 253 7.77 7.18 -1.14
N PHE A 254 8.45 6.70 -0.09
CA PHE A 254 9.78 6.11 -0.22
CA PHE A 254 9.77 6.07 -0.18
C PHE A 254 9.76 4.86 -1.11
N ARG A 255 8.61 4.19 -1.23
CA ARG A 255 8.57 2.81 -1.74
C ARG A 255 8.21 2.76 -3.22
N ALA A 256 8.24 3.91 -3.92
CA ALA A 256 7.62 4.07 -5.23
C ALA A 256 8.23 3.17 -6.31
N SER A 257 9.47 2.73 -6.13
CA SER A 257 10.19 1.99 -7.16
C SER A 257 10.30 0.50 -6.83
N GLU A 258 9.57 0.04 -5.79
CA GLU A 258 9.63 -1.33 -5.35
C GLU A 258 9.30 -2.29 -6.51
N GLN A 259 8.39 -1.89 -7.40
CA GLN A 259 8.12 -2.69 -8.60
C GLN A 259 7.65 -1.72 -9.69
N ILE A 260 7.88 -2.15 -10.93
CA ILE A 260 7.83 -1.24 -12.08
C ILE A 260 6.41 -0.74 -12.34
N LEU A 261 5.38 -1.48 -11.92
CA LEU A 261 4.00 -1.03 -12.16
C LEU A 261 3.56 -0.02 -11.11
N LEU A 262 4.18 -0.04 -9.92
CA LEU A 262 3.99 0.98 -8.90
C LEU A 262 4.60 2.29 -9.40
N ALA A 263 5.83 2.20 -9.89
CA ALA A 263 6.54 3.35 -10.43
C ALA A 263 5.72 3.99 -11.55
N THR A 264 5.16 3.14 -12.41
CA THR A 264 4.28 3.52 -13.49
C THR A 264 3.10 4.31 -12.93
N ALA A 265 2.45 3.77 -11.90
CA ALA A 265 1.27 4.42 -11.37
C ALA A 265 1.63 5.76 -10.74
N HIS A 266 2.75 5.82 -10.01
CA HIS A 266 3.24 7.09 -9.51
C HIS A 266 3.46 8.08 -10.66
N THR A 267 3.92 7.60 -11.82
CA THR A 267 4.27 8.46 -12.95
C THR A 267 3.00 9.09 -13.51
N LEU A 268 1.92 8.32 -13.64
CA LEU A 268 0.65 8.87 -14.07
C LEU A 268 0.18 10.00 -13.15
N LEU A 269 0.38 9.80 -11.84
CA LEU A 269 -0.17 10.66 -10.81
C LEU A 269 0.56 11.99 -10.85
N LEU A 270 1.88 11.95 -10.99
CA LEU A 270 2.66 13.17 -11.11
C LEU A 270 2.19 13.97 -12.34
N ARG A 271 2.02 13.29 -13.47
CA ARG A 271 1.71 13.97 -14.72
C ARG A 271 0.35 14.66 -14.59
N GLU A 272 -0.57 14.02 -13.86
CA GLU A 272 -1.89 14.60 -13.68
C GLU A 272 -1.77 15.89 -12.88
N HIS A 273 -0.89 15.93 -11.87
CA HIS A 273 -0.74 17.14 -11.08
C HIS A 273 -0.28 18.29 -11.98
N ASN A 274 0.76 18.03 -12.77
CA ASN A 274 1.35 19.01 -13.65
C ASN A 274 0.28 19.48 -14.65
N ARG A 275 -0.44 18.55 -15.27
CA ARG A 275 -1.47 18.89 -16.25
C ARG A 275 -2.55 19.78 -15.65
N LEU A 276 -2.93 19.49 -14.39
CA LEU A 276 -3.94 20.27 -13.70
C LEU A 276 -3.38 21.65 -13.36
N ALA A 277 -2.09 21.72 -12.99
CA ALA A 277 -1.49 22.98 -12.64
C ALA A 277 -1.49 23.91 -13.85
N ARG A 278 -1.29 23.33 -15.05
CA ARG A 278 -1.15 24.10 -16.27
C ARG A 278 -2.51 24.54 -16.81
N GLU A 279 -3.54 23.71 -16.61
CA GLU A 279 -4.90 24.08 -16.95
C GLU A 279 -5.37 25.25 -16.09
N LEU A 280 -5.01 25.22 -14.80
CA LEU A 280 -5.49 26.19 -13.83
C LEU A 280 -4.85 27.55 -14.06
N LYS A 281 -3.59 27.56 -14.50
CA LYS A 281 -2.93 28.80 -14.87
C LYS A 281 -3.70 29.46 -16.01
N LYS A 282 -4.07 28.69 -17.03
CA LYS A 282 -4.84 29.23 -18.14
C LYS A 282 -6.12 29.86 -17.62
N LEU A 283 -6.83 29.14 -16.75
CA LEU A 283 -8.12 29.58 -16.22
C LEU A 283 -7.95 30.62 -15.11
N ASN A 284 -6.73 30.83 -14.61
CA ASN A 284 -6.48 31.78 -13.52
C ASN A 284 -5.02 32.25 -13.56
N PRO A 285 -4.60 33.10 -14.55
CA PRO A 285 -3.18 33.43 -14.73
C PRO A 285 -2.67 34.37 -13.65
N HIS A 286 -3.61 34.88 -12.85
CA HIS A 286 -3.32 35.70 -11.68
C HIS A 286 -3.00 34.83 -10.47
N TRP A 287 -3.26 33.51 -10.53
CA TRP A 287 -2.86 32.62 -9.45
C TRP A 287 -1.35 32.44 -9.45
N ASN A 288 -0.77 32.56 -8.25
CA ASN A 288 0.65 32.28 -8.03
C ASN A 288 0.89 30.77 -7.91
N GLY A 289 2.17 30.39 -7.71
CA GLY A 289 2.60 29.01 -7.71
C GLY A 289 1.99 28.20 -6.56
N GLU A 290 2.11 28.73 -5.34
CA GLU A 290 1.55 28.11 -4.15
C GLU A 290 0.11 27.73 -4.40
N LYS A 291 -0.68 28.71 -4.87
CA LYS A 291 -2.10 28.55 -5.10
C LYS A 291 -2.37 27.50 -6.19
N LEU A 292 -1.50 27.46 -7.21
CA LEU A 292 -1.62 26.49 -8.28
C LEU A 292 -1.27 25.08 -7.78
N TYR A 293 -0.18 24.94 -7.02
CA TYR A 293 0.21 23.68 -6.42
C TYR A 293 -0.92 23.17 -5.53
N GLN A 294 -1.39 24.03 -4.63
CA GLN A 294 -2.40 23.63 -3.66
C GLN A 294 -3.70 23.26 -4.34
N GLU A 295 -4.10 23.97 -5.40
CA GLU A 295 -5.39 23.70 -6.02
C GLU A 295 -5.30 22.40 -6.83
N ALA A 296 -4.17 22.17 -7.50
CA ALA A 296 -3.93 20.91 -8.20
C ALA A 296 -3.87 19.72 -7.24
N ARG A 297 -3.06 19.83 -6.18
CA ARG A 297 -3.00 18.87 -5.09
C ARG A 297 -4.40 18.50 -4.60
N LYS A 298 -5.27 19.50 -4.42
CA LYS A 298 -6.59 19.25 -3.87
C LYS A 298 -7.46 18.47 -4.85
N ILE A 299 -7.32 18.72 -6.18
CA ILE A 299 -8.06 17.97 -7.18
C ILE A 299 -7.59 16.51 -7.22
N LEU A 300 -6.26 16.30 -7.24
CA LEU A 300 -5.67 14.98 -7.28
C LEU A 300 -6.13 14.17 -6.07
N GLY A 301 -6.08 14.75 -4.87
CA GLY A 301 -6.54 14.07 -3.66
C GLY A 301 -7.99 13.60 -3.77
N ALA A 302 -8.86 14.49 -4.28
CA ALA A 302 -10.25 14.14 -4.58
C ALA A 302 -10.32 12.98 -5.57
N PHE A 303 -9.50 13.05 -6.64
CA PHE A 303 -9.47 12.03 -7.67
C PHE A 303 -9.23 10.66 -7.03
N ILE A 304 -8.22 10.57 -6.13
CA ILE A 304 -7.86 9.31 -5.49
C ILE A 304 -9.01 8.84 -4.62
N GLN A 305 -9.67 9.80 -3.97
CA GLN A 305 -10.79 9.48 -3.09
C GLN A 305 -11.90 8.85 -3.92
N ILE A 306 -12.23 9.48 -5.04
CA ILE A 306 -13.38 9.05 -5.83
C ILE A 306 -13.10 7.67 -6.43
N ILE A 307 -11.96 7.54 -7.11
CA ILE A 307 -11.60 6.25 -7.65
C ILE A 307 -11.70 5.18 -6.56
N THR A 308 -11.20 5.47 -5.36
CA THR A 308 -11.07 4.42 -4.37
C THR A 308 -12.46 4.02 -3.89
N PHE A 309 -13.30 5.00 -3.55
CA PHE A 309 -14.55 4.72 -2.86
C PHE A 309 -15.67 4.39 -3.85
N ARG A 310 -15.65 4.99 -5.05
CA ARG A 310 -16.66 4.70 -6.07
C ARG A 310 -16.33 3.41 -6.84
N ASP A 311 -15.06 3.17 -7.17
CA ASP A 311 -14.69 2.13 -8.14
C ASP A 311 -14.05 0.91 -7.46
N TYR A 312 -13.15 1.14 -6.49
CA TYR A 312 -12.28 0.08 -6.00
C TYR A 312 -12.98 -0.67 -4.88
N LEU A 313 -13.37 0.05 -3.84
CA LEU A 313 -13.89 -0.59 -2.64
C LEU A 313 -15.11 -1.46 -2.95
N PRO A 314 -16.07 -1.03 -3.78
CA PRO A 314 -17.23 -1.89 -4.05
C PRO A 314 -16.85 -3.27 -4.59
N ILE A 315 -15.75 -3.38 -5.33
CA ILE A 315 -15.39 -4.67 -5.91
C ILE A 315 -14.33 -5.39 -5.07
N VAL A 316 -13.89 -4.77 -3.96
CA VAL A 316 -13.21 -5.54 -2.92
C VAL A 316 -14.24 -6.13 -1.97
N LEU A 317 -15.11 -5.25 -1.44
CA LEU A 317 -15.96 -5.58 -0.30
C LEU A 317 -17.24 -6.26 -0.77
N GLY A 318 -17.63 -5.98 -2.02
CA GLY A 318 -18.79 -6.64 -2.60
C GLY A 318 -20.04 -6.38 -1.76
N SER A 319 -20.64 -7.46 -1.26
CA SER A 319 -21.94 -7.41 -0.62
C SER A 319 -21.86 -6.68 0.72
N GLU A 320 -20.65 -6.60 1.28
CA GLU A 320 -20.41 -6.03 2.59
C GLU A 320 -20.18 -4.52 2.51
N MET A 321 -19.99 -4.00 1.30
CA MET A 321 -19.69 -2.59 1.09
C MET A 321 -20.72 -1.75 1.85
N GLN A 322 -22.00 -1.98 1.52
CA GLN A 322 -23.09 -1.14 1.98
C GLN A 322 -23.18 -1.21 3.50
N LYS A 323 -22.85 -2.38 4.07
CA LYS A 323 -22.89 -2.58 5.49
C LYS A 323 -21.86 -1.70 6.22
N TRP A 324 -20.62 -1.62 5.71
CA TRP A 324 -19.56 -0.94 6.45
C TRP A 324 -19.37 0.49 5.98
N ILE A 325 -19.65 0.74 4.71
CA ILE A 325 -19.45 2.05 4.13
C ILE A 325 -20.75 2.54 3.51
N PRO A 326 -21.73 2.96 4.37
CA PRO A 326 -23.02 3.45 3.88
C PRO A 326 -22.78 4.75 3.13
N PRO A 327 -23.77 5.25 2.35
CA PRO A 327 -23.58 6.50 1.61
C PRO A 327 -23.16 7.60 2.58
N TYR A 328 -22.36 8.55 2.08
CA TYR A 328 -21.76 9.59 2.88
C TYR A 328 -22.84 10.50 3.47
N GLN A 329 -22.55 11.10 4.63
CA GLN A 329 -23.49 11.95 5.36
C GLN A 329 -22.76 13.14 5.98
N GLY A 330 -21.52 13.41 5.54
CA GLY A 330 -20.77 14.57 5.98
C GLY A 330 -19.71 14.25 7.04
N TYR A 331 -18.83 15.21 7.29
CA TYR A 331 -17.74 15.09 8.25
C TYR A 331 -18.27 14.91 9.68
N ASN A 332 -17.73 13.90 10.36
CA ASN A 332 -17.97 13.69 11.77
C ASN A 332 -16.64 13.80 12.53
N ASN A 333 -16.51 14.83 13.35
CA ASN A 333 -15.24 15.16 13.99
C ASN A 333 -15.03 14.30 15.24
N SER A 334 -16.01 13.44 15.54
CA SER A 334 -15.92 12.46 16.60
C SER A 334 -15.29 11.15 16.12
N VAL A 335 -15.17 10.94 14.80
CA VAL A 335 -14.57 9.71 14.27
C VAL A 335 -13.05 9.75 14.35
N ASP A 336 -12.45 8.63 14.75
CA ASP A 336 -11.00 8.44 14.71
C ASP A 336 -10.53 8.14 13.28
N PRO A 337 -9.82 9.05 12.57
CA PRO A 337 -9.37 8.75 11.22
C PRO A 337 -8.00 8.06 11.13
N ARG A 338 -7.41 7.69 12.29
CA ARG A 338 -6.10 7.06 12.28
C ARG A 338 -6.19 5.66 11.70
N ILE A 339 -5.15 5.28 10.93
CA ILE A 339 -5.03 3.91 10.44
C ILE A 339 -4.68 3.03 11.64
N SER A 340 -5.42 1.92 11.76
CA SER A 340 -5.16 0.94 12.81
C SER A 340 -3.96 0.07 12.42
N ASN A 341 -3.28 -0.45 13.45
CA ASN A 341 -2.21 -1.42 13.29
C ASN A 341 -2.74 -2.64 12.51
N VAL A 342 -3.92 -3.15 12.87
CA VAL A 342 -4.45 -4.34 12.20
C VAL A 342 -4.70 -4.11 10.72
N PHE A 343 -5.25 -2.95 10.35
CA PHE A 343 -5.48 -2.62 8.96
C PHE A 343 -4.22 -2.75 8.11
N THR A 344 -3.04 -2.50 8.67
CA THR A 344 -1.82 -2.54 7.87
C THR A 344 -1.52 -4.02 7.51
N PHE A 345 -2.13 -4.98 8.22
CA PHE A 345 -2.01 -6.40 7.87
C PHE A 345 -3.20 -6.86 7.01
N ALA A 346 -4.40 -6.39 7.34
CA ALA A 346 -5.59 -6.69 6.55
C ALA A 346 -5.46 -6.27 5.09
N PHE A 347 -4.88 -5.10 4.84
CA PHE A 347 -4.71 -4.64 3.49
C PHE A 347 -3.56 -5.36 2.78
N ARG A 348 -2.85 -6.29 3.42
CA ARG A 348 -1.92 -7.13 2.69
C ARG A 348 -2.60 -8.32 1.98
N PHE A 349 -3.94 -8.31 1.86
CA PHE A 349 -4.60 -9.28 1.00
C PHE A 349 -4.14 -9.12 -0.44
N GLY A 350 -3.74 -7.90 -0.80
CA GLY A 350 -3.20 -7.59 -2.11
C GLY A 350 -2.09 -8.55 -2.55
N HIS A 351 -1.32 -9.06 -1.59
CA HIS A 351 -0.18 -9.92 -1.88
C HIS A 351 -0.59 -11.21 -2.61
N MET A 352 -1.83 -11.69 -2.37
CA MET A 352 -2.34 -12.87 -3.04
C MET A 352 -2.96 -12.54 -4.40
N GLU A 353 -2.96 -11.26 -4.77
CA GLU A 353 -3.48 -10.83 -6.06
C GLU A 353 -2.37 -10.52 -7.05
N VAL A 354 -1.11 -10.65 -6.65
CA VAL A 354 0.00 -10.36 -7.54
C VAL A 354 0.36 -11.60 -8.37
N PRO A 355 0.31 -11.51 -9.71
CA PRO A 355 0.60 -12.64 -10.59
C PRO A 355 2.08 -12.69 -10.88
N SER A 356 2.50 -13.77 -11.55
CA SER A 356 3.92 -14.09 -11.68
C SER A 356 4.61 -13.30 -12.80
N THR A 357 3.86 -12.59 -13.67
CA THR A 357 4.51 -11.92 -14.79
C THR A 357 3.90 -10.55 -15.06
N VAL A 358 4.66 -9.73 -15.79
CA VAL A 358 4.23 -8.42 -16.24
C VAL A 358 4.47 -8.35 -17.74
N SER A 359 3.55 -7.72 -18.49
CA SER A 359 3.67 -7.60 -19.93
C SER A 359 3.77 -6.14 -20.35
N ARG A 360 4.48 -5.94 -21.47
CA ARG A 360 4.45 -4.71 -22.22
C ARG A 360 3.69 -4.97 -23.52
N LEU A 361 2.72 -4.10 -23.84
CA LEU A 361 1.85 -4.28 -24.98
C LEU A 361 1.90 -3.05 -25.88
N ASP A 362 1.83 -3.26 -27.20
CA ASP A 362 1.93 -2.13 -28.10
C ASP A 362 0.54 -1.53 -28.32
N GLU A 363 0.47 -0.62 -29.27
CA GLU A 363 -0.73 0.18 -29.51
C GLU A 363 -1.84 -0.67 -30.14
N ASN A 364 -1.53 -1.92 -30.53
CA ASN A 364 -2.54 -2.91 -30.92
C ASN A 364 -2.80 -3.90 -29.78
N TYR A 365 -2.32 -3.58 -28.57
CA TYR A 365 -2.46 -4.45 -27.39
C TYR A 365 -1.92 -5.82 -27.74
N GLN A 366 -0.80 -5.81 -28.48
CA GLN A 366 -0.07 -7.00 -28.86
C GLN A 366 1.27 -6.95 -28.17
N PRO A 367 1.99 -8.10 -28.03
CA PRO A 367 3.28 -8.11 -27.36
C PRO A 367 4.26 -7.07 -27.92
N TRP A 368 4.81 -6.29 -26.99
CA TRP A 368 5.74 -5.24 -27.31
C TRP A 368 7.15 -5.80 -27.32
N GLY A 369 7.64 -6.08 -28.52
CA GLY A 369 8.99 -6.60 -28.69
C GLY A 369 9.11 -8.05 -28.27
N PRO A 370 10.35 -8.59 -28.28
CA PRO A 370 10.59 -10.02 -28.10
C PRO A 370 10.63 -10.57 -26.66
N GLU A 371 10.80 -9.68 -25.66
CA GLU A 371 10.64 -10.06 -24.26
C GLU A 371 9.54 -9.20 -23.64
N ALA A 372 8.36 -9.18 -24.29
CA ALA A 372 7.30 -8.28 -23.85
C ALA A 372 6.85 -8.68 -22.44
N GLU A 373 6.87 -10.01 -22.19
CA GLU A 373 6.48 -10.58 -20.91
C GLU A 373 7.73 -10.99 -20.12
N LEU A 374 7.73 -10.57 -18.85
CA LEU A 374 8.87 -10.72 -17.97
C LEU A 374 8.38 -11.24 -16.63
N PRO A 375 9.24 -11.98 -15.91
CA PRO A 375 8.94 -12.47 -14.57
C PRO A 375 8.96 -11.26 -13.64
N LEU A 376 8.00 -11.26 -12.70
CA LEU A 376 7.85 -10.22 -11.71
C LEU A 376 9.16 -9.99 -10.96
N HIS A 377 9.85 -11.04 -10.54
CA HIS A 377 11.00 -10.83 -9.69
C HIS A 377 12.10 -10.01 -10.39
N THR A 378 12.13 -10.00 -11.73
CA THR A 378 13.15 -9.20 -12.41
C THR A 378 12.77 -7.72 -12.41
N LEU A 379 11.58 -7.40 -11.84
CA LEU A 379 11.05 -6.05 -11.96
C LEU A 379 11.02 -5.32 -10.62
N PHE A 380 11.54 -5.97 -9.57
CA PHE A 380 11.68 -5.29 -8.30
C PHE A 380 12.78 -4.25 -8.43
N PHE A 381 12.51 -3.01 -7.97
CA PHE A 381 13.49 -1.93 -7.95
C PHE A 381 14.03 -1.68 -9.36
N ASN A 382 13.16 -1.82 -10.37
CA ASN A 382 13.58 -1.78 -11.74
C ASN A 382 13.00 -0.51 -12.39
N THR A 383 13.86 0.49 -12.60
CA THR A 383 13.47 1.70 -13.31
C THR A 383 14.00 1.71 -14.75
N TRP A 384 15.08 0.96 -15.00
CA TRP A 384 15.71 1.03 -16.32
C TRP A 384 14.83 0.45 -17.40
N ARG A 385 13.98 -0.53 -17.04
CA ARG A 385 13.02 -1.10 -17.98
C ARG A 385 11.98 -0.07 -18.38
N ILE A 386 11.79 0.97 -17.56
CA ILE A 386 10.96 2.08 -17.95
C ILE A 386 11.76 3.02 -18.87
N ILE A 387 12.92 3.49 -18.41
CA ILE A 387 13.61 4.59 -19.05
C ILE A 387 14.09 4.13 -20.43
N LYS A 388 14.72 2.96 -20.43
CA LYS A 388 15.45 2.48 -21.59
C LYS A 388 14.69 1.41 -22.37
N ASP A 389 13.41 1.13 -22.06
CA ASP A 389 12.74 0.01 -22.73
C ASP A 389 11.26 0.31 -22.99
N GLY A 390 10.92 1.55 -23.35
CA GLY A 390 9.63 1.86 -23.96
C GLY A 390 8.76 2.88 -23.21
N GLY A 391 9.22 3.40 -22.06
CA GLY A 391 8.41 4.29 -21.27
C GLY A 391 7.25 3.54 -20.60
N ILE A 392 6.26 4.27 -20.08
CA ILE A 392 5.24 3.61 -19.28
C ILE A 392 4.10 3.12 -20.16
N ASP A 393 3.96 3.64 -21.39
CA ASP A 393 2.77 3.33 -22.17
C ASP A 393 2.58 1.82 -22.32
N PRO A 394 3.61 1.05 -22.73
CA PRO A 394 3.46 -0.41 -22.86
C PRO A 394 3.03 -1.09 -21.55
N LEU A 395 3.44 -0.51 -20.42
CA LEU A 395 3.16 -1.10 -19.12
C LEU A 395 1.73 -0.74 -18.72
N VAL A 396 1.32 0.51 -18.99
CA VAL A 396 -0.06 0.90 -18.71
C VAL A 396 -1.02 0.02 -19.52
N ARG A 397 -0.67 -0.30 -20.78
CA ARG A 397 -1.51 -1.18 -21.58
C ARG A 397 -1.65 -2.55 -20.90
N GLY A 398 -0.56 -3.10 -20.39
CA GLY A 398 -0.63 -4.39 -19.71
C GLY A 398 -1.49 -4.31 -18.46
N LEU A 399 -1.45 -3.19 -17.74
CA LEU A 399 -2.29 -3.01 -16.58
C LEU A 399 -3.76 -3.14 -16.96
N LEU A 400 -4.12 -2.66 -18.16
CA LEU A 400 -5.50 -2.70 -18.62
C LEU A 400 -5.90 -4.08 -19.14
N ALA A 401 -4.98 -4.77 -19.83
CA ALA A 401 -5.35 -5.96 -20.60
C ALA A 401 -4.94 -7.25 -19.92
N LYS A 402 -4.10 -7.18 -18.89
CA LYS A 402 -3.77 -8.40 -18.20
C LYS A 402 -4.62 -8.47 -16.94
N LYS A 403 -4.55 -9.61 -16.25
CA LYS A 403 -5.42 -9.90 -15.12
C LYS A 403 -4.62 -9.95 -13.82
N SER A 404 -5.30 -9.62 -12.71
CA SER A 404 -4.78 -9.86 -11.38
C SER A 404 -4.73 -11.37 -11.16
N LYS A 405 -3.91 -11.81 -10.21
CA LYS A 405 -4.06 -13.15 -9.71
C LYS A 405 -5.30 -13.18 -8.82
N LEU A 406 -5.97 -14.34 -8.79
CA LEU A 406 -7.09 -14.60 -7.89
C LEU A 406 -6.58 -15.31 -6.65
N MET A 407 -7.00 -14.82 -5.48
CA MET A 407 -6.75 -15.54 -4.24
C MET A 407 -7.31 -16.94 -4.40
N ASN A 408 -6.57 -17.91 -3.89
CA ASN A 408 -6.85 -19.32 -4.04
C ASN A 408 -6.32 -19.98 -2.78
N GLN A 409 -7.18 -20.72 -2.06
CA GLN A 409 -6.78 -21.33 -0.81
C GLN A 409 -5.64 -22.33 -1.03
N ASP A 410 -5.50 -22.82 -2.27
CA ASP A 410 -4.46 -23.78 -2.62
C ASP A 410 -3.27 -23.10 -3.31
N LYS A 411 -3.43 -21.84 -3.71
CA LYS A 411 -2.42 -21.09 -4.46
C LYS A 411 -2.41 -19.63 -3.97
N MET A 412 -1.77 -19.37 -2.84
CA MET A 412 -1.96 -18.10 -2.15
C MET A 412 -1.04 -16.95 -2.57
N VAL A 413 0.27 -17.21 -2.57
CA VAL A 413 1.26 -16.22 -2.97
C VAL A 413 2.26 -16.80 -3.98
N THR A 414 2.42 -16.11 -5.12
CA THR A 414 3.36 -16.49 -6.17
C THR A 414 4.77 -16.55 -5.60
N SER A 415 5.50 -17.58 -6.01
CA SER A 415 6.90 -17.74 -5.63
C SER A 415 7.77 -16.57 -6.06
N GLU A 416 7.31 -15.75 -6.98
CA GLU A 416 8.07 -14.57 -7.34
C GLU A 416 8.20 -13.64 -6.13
N LEU A 417 7.20 -13.67 -5.22
CA LEU A 417 7.21 -12.89 -3.98
C LEU A 417 7.61 -13.77 -2.80
N ARG A 418 7.24 -15.05 -2.86
CA ARG A 418 7.39 -15.95 -1.72
C ARG A 418 8.89 -16.25 -1.63
N ASN A 419 9.54 -16.47 -2.76
CA ASN A 419 10.89 -17.03 -2.76
C ASN A 419 11.88 -16.10 -3.42
N LYS A 420 11.41 -15.21 -4.28
CA LYS A 420 12.34 -14.41 -5.10
C LYS A 420 12.32 -12.92 -4.78
N LEU A 421 11.78 -12.54 -3.61
CA LEU A 421 11.66 -11.11 -3.29
C LEU A 421 13.05 -10.51 -3.12
N PHE A 422 13.23 -9.27 -3.60
CA PHE A 422 14.44 -8.53 -3.35
C PHE A 422 14.13 -7.44 -2.32
N GLN A 423 15.02 -7.26 -1.35
CA GLN A 423 14.93 -6.13 -0.43
C GLN A 423 16.20 -5.28 -0.48
N PRO A 424 16.12 -3.94 -0.44
CA PRO A 424 17.33 -3.10 -0.37
C PRO A 424 18.31 -3.61 0.70
N THR A 425 19.61 -3.63 0.35
CA THR A 425 20.74 -3.93 1.22
C THR A 425 20.90 -5.42 1.50
N HIS A 426 20.17 -6.29 0.78
CA HIS A 426 20.26 -7.70 1.11
C HIS A 426 20.81 -8.54 -0.06
N LYS A 427 20.91 -7.94 -1.26
CA LYS A 427 21.74 -8.40 -2.38
C LYS A 427 21.10 -9.49 -3.22
N ILE A 428 20.17 -10.28 -2.67
CA ILE A 428 19.67 -11.43 -3.40
C ILE A 428 18.18 -11.29 -3.71
N HIS A 429 17.77 -11.96 -4.79
CA HIS A 429 16.36 -12.20 -5.07
C HIS A 429 15.95 -13.51 -4.40
N GLY A 430 15.85 -13.49 -3.07
CA GLY A 430 15.83 -14.72 -2.26
C GLY A 430 14.95 -14.69 -1.02
N PHE A 431 14.11 -13.65 -0.87
CA PHE A 431 13.29 -13.45 0.33
C PHE A 431 11.84 -13.87 0.09
N ASP A 432 11.06 -13.86 1.17
CA ASP A 432 9.70 -14.42 1.20
C ASP A 432 8.77 -13.38 1.85
N LEU A 433 7.94 -12.72 1.05
CA LEU A 433 7.01 -11.72 1.56
C LEU A 433 5.96 -12.30 2.52
N ALA A 434 5.57 -13.57 2.31
CA ALA A 434 4.57 -14.20 3.18
C ALA A 434 5.15 -14.35 4.58
N ALA A 435 6.36 -14.89 4.64
CA ALA A 435 7.09 -15.10 5.89
C ALA A 435 7.27 -13.77 6.61
N ILE A 436 7.68 -12.76 5.86
CA ILE A 436 7.85 -11.41 6.39
C ILE A 436 6.54 -10.93 6.98
N ASN A 437 5.43 -11.19 6.31
CA ASN A 437 4.15 -10.69 6.80
C ASN A 437 3.79 -11.31 8.15
N LEU A 438 4.06 -12.60 8.26
CA LEU A 438 3.73 -13.32 9.49
C LEU A 438 4.65 -12.85 10.62
N GLN A 439 5.92 -12.61 10.28
CA GLN A 439 6.88 -12.19 11.30
C GLN A 439 6.49 -10.78 11.77
N ARG A 440 6.02 -9.96 10.81
CA ARG A 440 5.62 -8.58 11.07
C ARG A 440 4.39 -8.51 11.96
N CSD A 441 3.46 -9.44 11.85
N CSD A 441 3.44 -9.42 11.73
CA CSD A 441 2.29 -9.26 12.70
CA CSD A 441 2.27 -9.60 12.59
CB CSD A 441 1.00 -9.67 12.01
CB CSD A 441 1.51 -10.86 12.26
SG CSD A 441 0.74 -11.39 11.72
SG CSD A 441 0.17 -10.54 11.08
C CSD A 441 2.60 -9.75 14.13
C CSD A 441 2.69 -9.67 14.05
O CSD A 441 2.01 -9.25 15.07
O CSD A 441 2.23 -8.89 14.87
OD1 CSD A 441 -0.24 -11.77 12.77
OD1 CSD A 441 0.87 -10.19 9.85
OD2 CSD A 441 -0.07 -11.41 10.35
OD2 CSD A 441 -0.64 -11.89 10.87
N ARG A 442 3.65 -10.57 14.30
CA ARG A 442 4.15 -10.85 15.64
C ARG A 442 4.92 -9.65 16.20
N ASP A 443 5.78 -9.06 15.35
CA ASP A 443 6.52 -7.84 15.65
C ASP A 443 5.57 -6.76 16.16
N HIS A 444 4.42 -6.60 15.51
CA HIS A 444 3.47 -5.57 15.84
C HIS A 444 2.51 -5.97 16.97
N GLY A 445 2.75 -7.11 17.62
CA GLY A 445 1.92 -7.55 18.75
C GLY A 445 0.46 -7.78 18.38
N MET A 446 0.22 -8.44 17.24
CA MET A 446 -1.14 -8.56 16.74
C MET A 446 -1.90 -9.60 17.57
N PRO A 447 -3.15 -9.33 18.00
CA PRO A 447 -4.03 -10.39 18.51
C PRO A 447 -4.21 -11.39 17.38
N GLY A 448 -4.55 -12.61 17.79
CA GLY A 448 -4.74 -13.74 16.90
C GLY A 448 -6.12 -13.75 16.25
N TYR A 449 -6.33 -14.73 15.35
CA TYR A 449 -7.48 -14.80 14.45
C TYR A 449 -8.82 -14.73 15.22
N ASN A 450 -8.97 -15.47 16.30
CA ASN A 450 -10.26 -15.51 16.98
C ASN A 450 -10.54 -14.19 17.71
N SER A 451 -9.47 -13.52 18.15
CA SER A 451 -9.66 -12.23 18.82
C SER A 451 -10.30 -11.28 17.82
N TRP A 452 -9.80 -11.29 16.57
CA TRP A 452 -10.36 -10.46 15.52
C TRP A 452 -11.75 -10.93 15.06
N ARG A 453 -11.99 -12.25 14.98
CA ARG A 453 -13.33 -12.76 14.70
C ARG A 453 -14.32 -12.18 15.70
N GLY A 454 -13.99 -12.27 16.99
CA GLY A 454 -14.75 -11.65 18.10
C GLY A 454 -15.05 -10.17 17.84
N PHE A 455 -14.01 -9.40 17.48
CA PHE A 455 -14.10 -7.98 17.24
C PHE A 455 -15.14 -7.70 16.15
N CYS A 456 -15.22 -8.60 15.18
CA CYS A 456 -16.06 -8.39 14.02
C CYS A 456 -17.43 -9.07 14.17
N GLY A 457 -17.70 -9.69 15.32
CA GLY A 457 -19.00 -10.29 15.59
C GLY A 457 -19.18 -11.62 14.84
N LEU A 458 -18.06 -12.30 14.55
CA LEU A 458 -18.09 -13.56 13.82
C LEU A 458 -17.79 -14.70 14.79
N SER A 459 -18.16 -15.92 14.41
CA SER A 459 -17.88 -17.07 15.26
C SER A 459 -16.38 -17.23 15.43
N GLN A 460 -16.02 -17.90 16.53
CA GLN A 460 -14.66 -18.19 16.90
C GLN A 460 -14.53 -19.70 16.96
N PRO A 461 -14.05 -20.36 15.88
CA PRO A 461 -13.83 -21.81 15.90
C PRO A 461 -12.76 -22.21 16.90
N LYS A 462 -13.03 -23.29 17.64
CA LYS A 462 -12.10 -23.81 18.63
C LYS A 462 -11.52 -25.17 18.22
N THR A 463 -12.15 -25.86 17.26
CA THR A 463 -11.67 -27.19 16.88
C THR A 463 -11.32 -27.23 15.39
N LEU A 464 -10.73 -28.35 14.96
CA LEU A 464 -10.56 -28.63 13.54
C LEU A 464 -11.89 -28.49 12.81
N LYS A 465 -12.92 -29.17 13.31
CA LYS A 465 -14.14 -29.22 12.52
C LYS A 465 -14.77 -27.82 12.46
N GLY A 466 -14.59 -27.02 13.52
CA GLY A 466 -15.10 -25.66 13.46
C GLY A 466 -14.33 -24.85 12.41
N LEU A 467 -13.01 -25.05 12.39
CA LEU A 467 -12.16 -24.31 11.46
C LEU A 467 -12.49 -24.74 10.03
N GLN A 468 -12.63 -26.05 9.83
CA GLN A 468 -13.03 -26.55 8.53
C GLN A 468 -14.29 -25.87 8.04
N THR A 469 -15.29 -25.70 8.91
CA THR A 469 -16.55 -25.10 8.46
C THR A 469 -16.39 -23.64 8.09
N VAL A 470 -15.63 -22.88 8.90
CA VAL A 470 -15.44 -21.45 8.64
C VAL A 470 -14.65 -21.24 7.33
N LEU A 471 -13.57 -22.01 7.15
CA LEU A 471 -12.75 -21.88 5.94
C LEU A 471 -13.36 -22.64 4.75
N LYS A 472 -14.37 -23.49 5.02
CA LYS A 472 -14.97 -24.34 4.01
C LYS A 472 -13.89 -25.10 3.25
N ASN A 473 -12.98 -25.73 3.99
CA ASN A 473 -11.84 -26.38 3.41
C ASN A 473 -11.19 -27.26 4.45
N LYS A 474 -11.28 -28.57 4.25
CA LYS A 474 -10.86 -29.49 5.29
C LYS A 474 -9.35 -29.55 5.36
N ILE A 475 -8.71 -29.52 4.19
CA ILE A 475 -7.27 -29.73 4.13
C ILE A 475 -6.56 -28.48 4.64
N LEU A 476 -6.99 -27.30 4.20
CA LEU A 476 -6.35 -26.07 4.69
C LEU A 476 -6.51 -25.97 6.20
N ALA A 477 -7.74 -26.20 6.69
CA ALA A 477 -8.03 -26.21 8.12
C ALA A 477 -7.07 -27.11 8.86
N LYS A 478 -6.85 -28.31 8.31
CA LYS A 478 -5.98 -29.29 8.94
C LYS A 478 -4.53 -28.85 8.98
N LYS A 479 -4.03 -28.29 7.88
CA LYS A 479 -2.67 -27.76 7.89
C LYS A 479 -2.51 -26.66 8.94
N LEU A 480 -3.49 -25.78 9.03
CA LEU A 480 -3.44 -24.70 10.04
C LEU A 480 -3.48 -25.26 11.46
N MET A 481 -4.31 -26.29 11.73
CA MET A 481 -4.33 -26.87 13.07
C MET A 481 -3.01 -27.57 13.38
N ASP A 482 -2.43 -28.26 12.39
CA ASP A 482 -1.17 -28.93 12.63
C ASP A 482 -0.06 -27.96 12.99
N LEU A 483 -0.09 -26.78 12.38
CA LEU A 483 0.96 -25.80 12.62
C LEU A 483 0.66 -24.98 13.88
N TYR A 484 -0.57 -24.49 14.04
CA TYR A 484 -0.84 -23.52 15.09
C TYR A 484 -1.47 -24.15 16.34
N LYS A 485 -2.13 -25.32 16.19
CA LYS A 485 -2.65 -26.13 17.30
C LYS A 485 -3.92 -25.62 17.98
N THR A 486 -4.28 -24.35 17.71
CA THR A 486 -5.55 -23.75 18.06
C THR A 486 -5.77 -22.56 17.14
N PRO A 487 -7.00 -22.32 16.63
CA PRO A 487 -7.29 -21.14 15.81
C PRO A 487 -7.06 -19.82 16.55
N ASP A 488 -7.01 -19.86 17.89
CA ASP A 488 -6.69 -18.66 18.67
C ASP A 488 -5.28 -18.16 18.32
N ASN A 489 -4.39 -19.07 17.88
CA ASN A 489 -3.00 -18.76 17.66
C ASN A 489 -2.69 -18.41 16.20
N ILE A 490 -3.68 -18.55 15.30
CA ILE A 490 -3.46 -18.25 13.88
C ILE A 490 -3.19 -16.75 13.68
N ASP A 491 -2.08 -16.44 13.01
CA ASP A 491 -1.71 -15.08 12.69
C ASP A 491 -2.82 -14.49 11.82
N ILE A 492 -3.22 -13.26 12.11
CA ILE A 492 -4.33 -12.61 11.43
C ILE A 492 -4.16 -12.51 9.91
N TRP A 493 -2.96 -12.27 9.40
CA TRP A 493 -2.77 -12.14 7.95
C TRP A 493 -3.20 -13.43 7.25
N ILE A 494 -2.74 -14.55 7.75
CA ILE A 494 -3.01 -15.83 7.09
C ILE A 494 -4.45 -16.24 7.39
N GLY A 495 -4.91 -16.02 8.63
CA GLY A 495 -6.28 -16.37 9.00
C GLY A 495 -7.33 -15.64 8.20
N GLY A 496 -7.19 -14.31 8.12
CA GLY A 496 -8.09 -13.49 7.31
C GLY A 496 -8.07 -13.90 5.84
N ASN A 497 -6.87 -14.19 5.31
CA ASN A 497 -6.77 -14.42 3.88
C ASN A 497 -7.26 -15.82 3.52
N ALA A 498 -7.35 -16.72 4.52
CA ALA A 498 -7.76 -18.10 4.31
C ALA A 498 -9.27 -18.23 4.14
N GLU A 499 -10.04 -17.20 4.54
CA GLU A 499 -11.48 -17.29 4.53
C GLU A 499 -11.98 -17.12 3.10
N PRO A 500 -12.99 -17.91 2.66
CA PRO A 500 -13.52 -17.78 1.31
C PRO A 500 -14.12 -16.39 1.14
N MET A 501 -14.01 -15.86 -0.07
CA MET A 501 -14.37 -14.49 -0.36
C MET A 501 -15.88 -14.30 -0.36
N VAL A 502 -16.33 -13.09 0.01
CA VAL A 502 -17.73 -12.74 0.01
C VAL A 502 -18.21 -12.55 -1.43
N GLU A 503 -19.52 -12.74 -1.58
CA GLU A 503 -20.22 -12.53 -2.83
C GLU A 503 -19.83 -11.18 -3.40
N ARG A 504 -19.37 -11.20 -4.66
CA ARG A 504 -19.03 -10.03 -5.46
C ARG A 504 -17.77 -9.30 -4.94
N GLY A 505 -17.04 -9.86 -3.99
CA GLY A 505 -15.85 -9.19 -3.48
C GLY A 505 -14.62 -10.07 -3.64
N ARG A 506 -13.51 -9.67 -3.02
CA ARG A 506 -12.27 -10.39 -3.20
C ARG A 506 -11.58 -10.60 -1.87
N VAL A 507 -12.35 -10.38 -0.78
CA VAL A 507 -11.94 -10.74 0.55
C VAL A 507 -13.11 -11.42 1.25
N GLY A 508 -12.77 -12.16 2.29
CA GLY A 508 -13.75 -12.83 3.13
C GLY A 508 -14.38 -11.90 4.18
N PRO A 509 -15.21 -12.48 5.07
CA PRO A 509 -15.97 -11.71 6.05
C PRO A 509 -15.12 -10.92 7.04
N LEU A 510 -14.14 -11.58 7.63
CA LEU A 510 -13.30 -10.93 8.63
C LEU A 510 -12.56 -9.74 8.03
N LEU A 511 -11.91 -9.94 6.89
CA LEU A 511 -11.21 -8.86 6.23
C LEU A 511 -12.20 -7.81 5.75
N ALA A 512 -13.38 -8.22 5.28
CA ALA A 512 -14.31 -7.19 4.84
C ALA A 512 -14.66 -6.25 6.00
N CYS A 513 -14.77 -6.82 7.22
CA CYS A 513 -15.10 -6.07 8.42
C CYS A 513 -13.95 -5.15 8.78
N LEU A 514 -12.72 -5.66 8.86
CA LEU A 514 -11.58 -4.83 9.22
C LEU A 514 -11.34 -3.73 8.19
N LEU A 515 -11.37 -4.06 6.90
CA LEU A 515 -11.15 -3.08 5.85
C LEU A 515 -12.29 -2.07 5.82
N GLY A 516 -13.54 -2.54 5.90
CA GLY A 516 -14.69 -1.67 5.71
C GLY A 516 -14.74 -0.59 6.78
N ARG A 517 -14.54 -1.01 8.04
CA ARG A 517 -14.53 -0.08 9.16
C ARG A 517 -13.44 0.98 8.95
N GLN A 518 -12.25 0.56 8.51
CA GLN A 518 -11.14 1.50 8.38
C GLN A 518 -11.48 2.56 7.36
N PHE A 519 -11.99 2.10 6.21
CA PHE A 519 -12.30 2.99 5.11
C PHE A 519 -13.48 3.91 5.48
N GLN A 520 -14.44 3.39 6.22
CA GLN A 520 -15.52 4.23 6.75
C GLN A 520 -14.92 5.36 7.59
N GLN A 521 -13.98 5.04 8.48
CA GLN A 521 -13.38 6.03 9.37
C GLN A 521 -12.54 7.08 8.64
N ILE A 522 -11.78 6.70 7.61
CA ILE A 522 -10.94 7.69 6.97
C ILE A 522 -11.80 8.60 6.09
N ARG A 523 -12.99 8.16 5.70
CA ARG A 523 -13.89 9.02 4.96
C ARG A 523 -14.57 9.98 5.95
N ASP A 524 -15.27 9.41 6.94
CA ASP A 524 -16.11 10.17 7.85
C ASP A 524 -15.32 11.11 8.77
N GLY A 525 -14.08 10.75 9.13
CA GLY A 525 -13.29 11.55 10.05
C GLY A 525 -12.31 12.47 9.33
N ASP A 526 -12.54 12.76 8.03
CA ASP A 526 -11.65 13.64 7.27
C ASP A 526 -12.35 14.98 6.98
N ARG A 527 -11.78 16.08 7.52
CA ARG A 527 -12.37 17.40 7.36
C ARG A 527 -12.34 17.82 5.89
N PHE A 528 -11.42 17.25 5.10
CA PHE A 528 -11.20 17.70 3.73
C PHE A 528 -11.61 16.60 2.76
N TRP A 529 -12.45 15.67 3.19
CA TRP A 529 -13.11 14.78 2.26
C TRP A 529 -13.77 15.61 1.14
N TRP A 530 -13.69 15.12 -0.11
CA TRP A 530 -13.99 15.90 -1.29
C TRP A 530 -15.47 16.32 -1.32
N GLU A 531 -16.35 15.49 -0.73
CA GLU A 531 -17.79 15.67 -0.78
C GLU A 531 -18.33 16.36 0.48
N ASN A 532 -17.44 16.70 1.42
CA ASN A 532 -17.85 17.45 2.59
C ASN A 532 -18.33 18.80 2.10
N PRO A 533 -19.52 19.26 2.53
CA PRO A 533 -19.93 20.64 2.24
C PRO A 533 -18.81 21.60 2.65
N GLY A 534 -18.44 22.48 1.73
CA GLY A 534 -17.43 23.50 2.01
C GLY A 534 -16.16 23.30 1.18
N VAL A 535 -15.78 22.04 0.95
CA VAL A 535 -14.45 21.75 0.41
C VAL A 535 -14.41 22.15 -1.06
N PHE A 536 -15.29 21.61 -1.88
CA PHE A 536 -15.40 22.06 -3.26
C PHE A 536 -16.71 22.81 -3.45
N THR A 537 -16.83 23.60 -4.52
CA THR A 537 -18.11 24.20 -4.87
C THR A 537 -18.98 23.10 -5.46
N GLU A 538 -20.30 23.37 -5.56
CA GLU A 538 -21.23 22.40 -6.10
C GLU A 538 -20.93 22.17 -7.58
N LYS A 539 -20.51 23.21 -8.29
CA LYS A 539 -20.23 23.08 -9.70
C LYS A 539 -18.94 22.28 -9.85
N GLN A 540 -18.01 22.46 -8.90
CA GLN A 540 -16.74 21.74 -8.90
C GLN A 540 -16.97 20.26 -8.67
N ARG A 541 -17.89 19.91 -7.76
CA ARG A 541 -18.17 18.53 -7.41
C ARG A 541 -18.91 17.76 -8.52
N ASP A 542 -19.73 18.48 -9.30
CA ASP A 542 -20.39 17.89 -10.47
C ASP A 542 -19.34 17.51 -11.51
N SER A 543 -18.33 18.38 -11.64
CA SER A 543 -17.15 18.17 -12.47
C SER A 543 -16.32 16.97 -12.00
N LEU A 544 -16.10 16.86 -10.67
CA LEU A 544 -15.28 15.80 -10.08
C LEU A 544 -15.95 14.43 -10.08
N GLN A 545 -17.28 14.41 -10.12
CA GLN A 545 -18.09 13.21 -10.27
C GLN A 545 -17.76 12.39 -11.53
N LYS A 546 -17.13 13.02 -12.52
CA LYS A 546 -16.95 12.40 -13.82
C LYS A 546 -15.60 11.67 -13.93
N VAL A 547 -14.68 11.90 -12.97
CA VAL A 547 -13.32 11.38 -13.08
C VAL A 547 -13.38 9.87 -13.29
N SER A 548 -12.36 9.35 -13.97
CA SER A 548 -12.21 7.92 -14.15
C SER A 548 -10.73 7.58 -14.37
N PHE A 549 -10.35 6.32 -14.07
CA PHE A 549 -8.99 5.88 -14.32
C PHE A 549 -8.74 5.90 -15.83
N SER A 550 -9.76 5.64 -16.62
CA SER A 550 -9.66 5.72 -18.07
C SER A 550 -9.22 7.11 -18.54
N ARG A 551 -9.82 8.17 -17.99
CA ARG A 551 -9.50 9.53 -18.38
C ARG A 551 -8.10 9.91 -17.89
N LEU A 552 -7.71 9.42 -16.70
CA LEU A 552 -6.36 9.66 -16.20
C LEU A 552 -5.32 9.16 -17.21
N ILE A 553 -5.52 7.95 -17.74
CA ILE A 553 -4.60 7.37 -18.71
C ILE A 553 -4.65 8.17 -20.02
N CYS A 554 -5.87 8.41 -20.54
CA CYS A 554 -6.01 9.18 -21.77
C CYS A 554 -5.28 10.52 -21.66
N ASP A 555 -5.39 11.21 -20.52
CA ASP A 555 -4.86 12.56 -20.39
C ASP A 555 -3.34 12.59 -20.22
N ASN A 556 -2.72 11.47 -19.81
CA ASN A 556 -1.35 11.50 -19.34
C ASN A 556 -0.46 10.42 -19.97
N THR A 557 -0.93 9.77 -21.04
CA THR A 557 -0.09 8.88 -21.85
C THR A 557 -0.33 9.24 -23.32
N HIS A 558 0.11 8.37 -24.25
CA HIS A 558 -0.30 8.47 -25.65
C HIS A 558 -1.18 7.29 -26.05
N ILE A 559 -1.86 6.70 -25.05
CA ILE A 559 -2.80 5.62 -25.27
C ILE A 559 -4.15 6.23 -25.64
N THR A 560 -4.89 5.60 -26.58
CA THR A 560 -6.08 6.21 -27.15
C THR A 560 -7.28 5.25 -27.09
N LYS A 561 -7.04 3.99 -26.74
CA LYS A 561 -8.11 3.02 -26.53
C LYS A 561 -8.04 2.44 -25.12
N VAL A 562 -9.17 2.50 -24.43
CA VAL A 562 -9.25 2.22 -23.01
C VAL A 562 -10.59 1.56 -22.70
N PRO A 563 -10.68 0.78 -21.61
CA PRO A 563 -11.97 0.33 -21.12
C PRO A 563 -12.66 1.46 -20.39
N LEU A 564 -13.98 1.31 -20.22
CA LEU A 564 -14.77 2.26 -19.45
C LEU A 564 -14.56 1.99 -17.97
N HIS A 565 -14.45 0.70 -17.63
CA HIS A 565 -14.33 0.22 -16.26
C HIS A 565 -12.96 -0.46 -16.11
N ALA A 566 -11.93 0.34 -15.81
CA ALA A 566 -10.55 -0.12 -15.93
C ALA A 566 -10.16 -1.22 -14.92
N PHE A 567 -10.97 -1.48 -13.89
CA PHE A 567 -10.63 -2.48 -12.88
C PHE A 567 -11.19 -3.86 -13.23
N GLN A 568 -12.25 -3.91 -14.04
CA GLN A 568 -12.76 -5.16 -14.58
C GLN A 568 -11.71 -5.80 -15.46
N ALA A 569 -11.87 -7.10 -15.72
CA ALA A 569 -11.05 -7.75 -16.74
C ALA A 569 -11.56 -7.28 -18.10
N ASN A 570 -10.66 -6.69 -18.90
CA ASN A 570 -11.01 -6.11 -20.19
C ASN A 570 -10.14 -6.75 -21.26
N ASN A 571 -10.75 -7.06 -22.42
CA ASN A 571 -10.01 -7.62 -23.55
C ASN A 571 -10.20 -6.75 -24.77
N TYR A 572 -9.11 -6.59 -25.51
CA TYR A 572 -9.04 -5.68 -26.65
C TYR A 572 -9.29 -6.47 -27.94
N PRO A 573 -9.97 -5.91 -28.97
CA PRO A 573 -10.53 -4.55 -28.92
C PRO A 573 -11.96 -4.45 -28.40
N HIS A 574 -12.55 -5.61 -28.07
CA HIS A 574 -13.95 -5.70 -27.73
C HIS A 574 -14.30 -4.65 -26.67
N ASP A 575 -13.60 -4.69 -25.54
CA ASP A 575 -14.03 -3.91 -24.39
C ASP A 575 -13.29 -2.59 -24.32
N PHE A 576 -12.60 -2.23 -25.41
CA PHE A 576 -11.83 -1.00 -25.45
C PHE A 576 -12.52 -0.04 -26.39
N VAL A 577 -12.72 1.20 -25.91
CA VAL A 577 -13.38 2.24 -26.69
C VAL A 577 -12.35 3.34 -26.88
N ASP A 578 -12.63 4.25 -27.80
CA ASP A 578 -11.72 5.36 -28.06
C ASP A 578 -11.81 6.35 -26.91
N CYS A 579 -10.69 7.06 -26.67
CA CYS A 579 -10.57 8.01 -25.57
C CYS A 579 -11.61 9.12 -25.68
N SER A 580 -12.08 9.37 -26.91
CA SER A 580 -12.99 10.48 -27.16
C SER A 580 -14.35 10.23 -26.51
N THR A 581 -14.78 8.96 -26.45
CA THR A 581 -16.08 8.63 -25.87
C THR A 581 -16.02 8.66 -24.34
N VAL A 582 -14.89 9.10 -23.75
CA VAL A 582 -14.65 9.06 -22.31
C VAL A 582 -14.76 10.47 -21.74
N ASP A 583 -15.52 10.61 -20.66
CA ASP A 583 -15.74 11.91 -20.06
C ASP A 583 -14.40 12.51 -19.60
N LYS A 584 -14.26 13.84 -19.75
CA LYS A 584 -13.12 14.57 -19.20
C LYS A 584 -13.46 15.16 -17.83
N LEU A 585 -12.43 15.76 -17.20
CA LEU A 585 -12.61 16.60 -16.03
C LEU A 585 -12.64 18.05 -16.50
N ASP A 586 -13.82 18.68 -16.39
CA ASP A 586 -14.00 20.07 -16.78
C ASP A 586 -13.56 20.98 -15.63
N LEU A 587 -12.50 21.76 -15.86
CA LEU A 587 -11.95 22.64 -14.83
C LEU A 587 -12.47 24.06 -15.04
N SER A 588 -13.53 24.20 -15.85
CA SER A 588 -14.27 25.44 -15.96
C SER A 588 -14.66 25.95 -14.57
N PRO A 589 -15.28 25.13 -13.68
CA PRO A 589 -15.69 25.64 -12.37
C PRO A 589 -14.60 26.11 -11.41
N TRP A 590 -13.33 26.10 -11.85
CA TRP A 590 -12.21 26.59 -11.06
C TRP A 590 -11.79 28.00 -11.48
N ALA A 591 -12.36 28.50 -12.56
CA ALA A 591 -12.26 29.91 -12.88
C ALA A 591 -12.79 30.72 -11.69
N SER A 592 -11.97 31.63 -11.17
CA SER A 592 -12.44 32.57 -10.15
C SER A 592 -13.26 33.68 -10.81
N ARG A 593 -14.18 34.29 -10.06
CA ARG A 593 -14.89 35.48 -10.53
C ARG A 593 -14.36 36.69 -9.77
N GLU A 594 -13.12 37.09 -10.11
CA GLU A 594 -12.39 38.17 -9.44
C GLU A 594 -12.64 39.52 -10.13
N ASN A 595 -13.29 39.50 -11.31
CA ASN A 595 -13.49 40.69 -12.11
C ASN A 595 -14.60 40.43 -13.14
C1 NAG B . 21.06 -4.06 -17.79
C2 NAG B . 20.68 -5.43 -18.38
C3 NAG B . 21.05 -5.53 -19.85
C4 NAG B . 20.67 -4.27 -20.63
C5 NAG B . 21.24 -3.06 -19.91
C6 NAG B . 21.03 -1.73 -20.62
C7 NAG B . 20.53 -7.11 -16.61
C8 NAG B . 21.17 -8.25 -15.88
N2 NAG B . 21.22 -6.52 -17.60
O3 NAG B . 20.39 -6.66 -20.40
O4 NAG B . 21.10 -4.31 -22.01
O5 NAG B . 20.61 -3.01 -18.62
O6 NAG B . 19.76 -1.15 -20.39
O7 NAG B . 19.42 -6.70 -16.30
C1 NAG B . 20.41 -4.12 -23.19
C2 NAG B . 21.36 -4.04 -24.39
C3 NAG B . 20.61 -4.20 -25.72
C4 NAG B . 19.53 -5.28 -25.68
C5 NAG B . 18.66 -5.06 -24.45
C6 NAG B . 17.53 -6.05 -24.28
C7 NAG B . 23.20 -2.54 -23.64
C8 NAG B . 23.35 -1.15 -23.09
N2 NAG B . 22.08 -2.77 -24.35
O3 NAG B . 21.54 -4.54 -26.74
O4 NAG B . 18.77 -5.21 -26.87
O5 NAG B . 19.52 -5.21 -23.31
O6 NAG B . 16.66 -5.71 -23.19
O7 NAG B . 24.05 -3.40 -23.44
C1 NAG C . -20.01 10.46 15.01
C2 NAG C . -21.53 10.31 15.17
C3 NAG C . -21.95 9.68 16.50
C4 NAG C . -21.09 8.47 16.86
C5 NAG C . -19.64 8.91 16.82
C6 NAG C . -18.66 7.83 17.23
C7 NAG C . -22.99 11.93 14.11
C8 NAG C . -23.36 13.37 14.00
N2 NAG C . -22.16 11.61 15.10
O3 NAG C . -23.32 9.34 16.32
O4 NAG C . -21.43 8.02 18.17
O5 NAG C . -19.31 9.31 15.47
O6 NAG C . -18.23 7.06 16.10
O7 NAG C . -23.40 11.07 13.32
I IOD D . -4.86 -2.93 16.16
I IOD E . 8.94 -26.78 5.63
I IOD F . 16.54 14.13 -12.51
I IOD G . -17.11 8.75 -3.64
I IOD H . 19.14 7.91 -17.60
I IOD I . 3.72 15.54 -18.78
I IOD J . 2.73 -10.74 -23.42
I IOD K . 5.07 21.88 4.73
I IOD L . 0.59 -26.24 -7.70
I IOD M . 13.92 14.30 1.83
I IOD N . 10.97 17.31 7.83
I IOD O . 20.92 -1.66 -2.49
I IOD P . 4.58 -19.87 29.18
C1 NAG Q . 10.42 23.74 -13.61
C2 NAG Q . 11.39 22.73 -14.23
C3 NAG Q . 12.18 23.37 -15.37
C4 NAG Q . 11.23 24.07 -16.34
C5 NAG Q . 10.48 25.15 -15.55
C6 NAG Q . 9.52 25.94 -16.40
C7 NAG Q . 12.15 20.88 -12.75
C8 NAG Q . 13.38 20.28 -12.17
N2 NAG Q . 12.26 22.14 -13.23
O3 NAG Q . 12.91 22.33 -16.01
O4 NAG Q . 11.94 24.63 -17.44
O5 NAG Q . 9.68 24.51 -14.55
O6 NAG Q . 8.55 25.06 -16.95
O7 NAG Q . 11.09 20.26 -12.80
S SCN R . -16.89 -24.52 16.47
C SCN R . -15.69 -25.19 17.25
N SCN R . -14.81 -25.61 17.86
S SCN S . 17.58 -12.55 -10.47
C SCN S . 17.19 -11.09 -11.04
N SCN S . 16.95 -10.05 -11.54
S SCN T . -13.69 0.57 -12.79
C SCN T . -14.45 -0.79 -12.57
N SCN T . -15.15 -1.73 -12.35
S SCN U . 16.40 15.08 -11.49
C SCN U . 17.33 13.86 -11.65
N SCN U . 17.96 13.01 -11.93
S SCN V . 21.15 -2.67 -1.97
C SCN V . 20.79 -1.14 -1.83
N SCN V . 20.51 -0.05 -1.64
S SCN W . -5.56 -2.46 15.68
C SCN W . -4.68 -3.36 16.61
N SCN W . -3.97 -3.99 17.29
S SCN X . -4.08 1.96 -27.57
C SCN X . -3.09 3.10 -28.00
N SCN X . -2.29 3.85 -28.29
S SCN Y . 12.06 -23.04 -2.09
C SCN Y . 13.16 -22.23 -2.83
N SCN Y . 13.99 -21.55 -3.30
S SCN Z . -17.43 -9.85 -9.22
C SCN Z . -16.95 -11.21 -9.76
N SCN Z . -16.50 -12.17 -10.25
S SCN AA . 20.08 7.28 -16.21
C SCN AA . 19.17 7.81 -17.39
N SCN AA . 18.54 8.21 -18.25
S SCN BA . -7.16 -0.81 22.40
C SCN BA . -8.62 -1.14 22.98
N SCN BA . -9.71 -1.32 23.28
S SCN CA . -6.39 -26.69 0.20
C SCN CA . -5.05 -26.58 0.99
N SCN CA . -4.08 -26.44 1.62
S SCN DA . 0.17 -10.50 -24.88
C SCN DA . 1.62 -10.31 -24.21
N SCN DA . 2.66 -9.99 -23.76
S SCN EA . 11.51 16.59 8.73
C SCN EA . 10.56 17.54 7.92
N SCN EA . 9.91 18.13 7.14
S SCN FA . 3.37 -17.23 29.70
C SCN FA . 4.06 -18.44 28.93
N SCN FA . 4.43 -19.43 28.41
S SCN GA . -17.55 8.11 -2.73
C SCN GA . -16.79 9.14 -3.57
N SCN GA . -16.26 9.75 -4.34
C1 PGE HA . -9.34 8.81 19.94
O1 PGE HA . -7.96 9.10 19.83
C2 PGE HA . -10.06 9.08 18.67
O2 PGE HA . -11.15 9.98 18.90
C3 PGE HA . -11.03 11.18 18.14
C4 PGE HA . -12.22 12.05 18.32
O4 PGE HA . -11.63 14.91 21.35
C6 PGE HA . -12.03 13.97 20.36
C5 PGE HA . -11.31 14.16 19.06
O3 PGE HA . -11.93 13.41 18.01
S SCN IA . -14.57 21.38 16.58
C SCN IA . -14.06 22.86 16.31
N SCN IA . -13.67 23.95 16.19
N NO2 JA . 7.36 -1.70 -0.70
O1 NO2 JA . 6.19 -1.63 -1.14
O2 NO2 JA . 7.93 -1.93 0.40
N NO KA . 3.31 -3.63 -0.79
O NO KA . 3.87 -2.46 -0.67
N NO LA . 11.59 3.07 -3.92
O NO LA . 12.81 2.83 -3.90
N NO2 MA . 15.95 4.60 -2.80
O1 NO2 MA . 16.86 5.13 -3.52
O2 NO2 MA . 14.91 3.85 -2.98
C1 NAG NA . -17.61 -8.77 -13.18
C2 NAG NA . -19.07 -9.26 -13.16
C3 NAG NA . -20.01 -8.06 -13.22
C4 NAG NA . -19.77 -7.18 -12.00
C5 NAG NA . -18.32 -6.70 -11.99
C6 NAG NA . -17.93 -6.07 -10.66
C7 NAG NA . -19.53 -11.56 -13.95
C8 NAG NA . -20.47 -12.29 -14.87
N2 NAG NA . -19.38 -10.25 -14.18
O3 NAG NA . -21.37 -8.49 -13.28
O4 NAG NA . -20.66 -6.06 -11.98
O5 NAG NA . -17.36 -7.78 -12.17
O6 NAG NA . -17.82 -7.06 -9.63
O7 NAG NA . -18.94 -12.12 -13.04
CHA HEM OA . 4.03 -4.21 2.83
CHB HEM OA . 6.07 -5.69 -1.27
CHC HEM OA . 1.73 -5.41 -3.50
CHD HEM OA . -0.26 -3.83 0.60
C1A HEM OA . 4.92 -4.67 1.92
C2A HEM OA . 6.33 -4.85 2.22
C3A HEM OA . 6.90 -5.28 1.06
C4A HEM OA . 5.87 -5.36 0.07
CMA HEM OA . 8.36 -5.62 0.87
CAA HEM OA . 7.02 -4.61 3.55
CBA HEM OA . 6.77 -5.84 4.37
CGA HEM OA . 7.25 -5.77 5.79
O1A HEM OA . 6.47 -6.07 6.73
O2A HEM OA . 8.46 -5.49 6.01
C1B HEM OA . 5.07 -5.69 -2.28
C2B HEM OA . 5.28 -5.94 -3.68
C3B HEM OA . 4.08 -5.82 -4.34
C4B HEM OA . 3.09 -5.59 -3.27
CMB HEM OA . 6.63 -6.25 -4.34
CAB HEM OA . 3.69 -6.07 -5.75
CBB HEM OA . 4.44 -6.67 -6.64
C1C HEM OA . 0.77 -4.96 -2.60
C2C HEM OA . -0.62 -4.87 -2.83
C3C HEM OA . -1.20 -4.41 -1.65
C4C HEM OA . -0.13 -4.29 -0.69
CMC HEM OA . -1.23 -5.20 -4.15
CAC HEM OA . -2.60 -4.11 -1.31
CBC HEM OA . -3.62 -4.14 -2.18
C1D HEM OA . 0.78 -3.75 1.53
C2D HEM OA . 0.64 -3.13 2.84
C3D HEM OA . 1.81 -3.26 3.48
C4D HEM OA . 2.69 -3.92 2.51
CMD HEM OA . -0.54 -2.55 3.53
CAD HEM OA . 2.10 -2.75 4.88
CBD HEM OA . 2.62 -1.31 4.70
CGD HEM OA . 2.94 -0.73 6.06
O1D HEM OA . 4.13 -0.76 6.47
O2D HEM OA . 1.98 -0.29 6.77
NA HEM OA . 4.65 -5.02 0.63
NB HEM OA . 3.76 -5.49 -2.09
NC HEM OA . 1.03 -4.62 -1.31
ND HEM OA . 2.05 -4.17 1.35
FE HEM OA . 2.81 -5.02 -0.26
CA CA PA . -2.19 9.73 3.21
I IOD QA . 6.88 -1.98 -0.36
I IOD RA . 11.53 0.38 -0.40
I IOD SA . 14.86 16.63 2.27
I IOD TA . -2.29 10.81 17.04
I IOD UA . 17.07 16.40 2.07
I IOD VA . 16.88 -11.81 -11.30
I IOD WA . 9.81 -1.95 -0.11
I IOD XA . -3.16 3.05 -27.90
I IOD YA . -16.03 -25.05 17.39
I IOD ZA . 14.53 2.21 -1.49
I IOD AB . 18.09 5.61 -5.86
#